data_1PFT
#
_entry.id   1PFT
#
_cell.length_a   1.000
_cell.length_b   1.000
_cell.length_c   1.000
_cell.angle_alpha   90.00
_cell.angle_beta   90.00
_cell.angle_gamma   90.00
#
_symmetry.space_group_name_H-M   'P 1'
#
loop_
_entity.id
_entity.type
_entity.pdbx_description
1 polymer TFIIB
2 non-polymer 'ZINC ION'
#
_entity_poly.entity_id   1
_entity_poly.type   'polypeptide(L)'
_entity_poly.pdbx_seq_one_letter_code
;MVNKQKVCPACESAELIYDPERGEIVCAKCGYVIEENIIDMGPEWRAFDA
;
_entity_poly.pdbx_strand_id   A
#
loop_
_chem_comp.id
_chem_comp.type
_chem_comp.name
_chem_comp.formula
ZN non-polymer 'ZINC ION' 'Zn 2'
#
# COMPACT_ATOMS: atom_id res chain seq x y z
N MET A 1 1.65 -11.13 -4.92
CA MET A 1 1.43 -10.45 -6.21
C MET A 1 0.94 -11.47 -7.24
N VAL A 2 -0.19 -11.17 -7.84
CA VAL A 2 -0.83 -12.08 -8.79
C VAL A 2 -1.83 -11.33 -9.66
N ASN A 3 -1.61 -11.42 -10.98
CA ASN A 3 -2.31 -10.57 -11.93
C ASN A 3 -1.82 -9.13 -11.81
N LYS A 4 -2.68 -8.20 -12.22
CA LYS A 4 -2.28 -6.81 -12.40
C LYS A 4 -1.80 -6.22 -11.07
N GLN A 5 -2.56 -6.52 -10.02
CA GLN A 5 -2.34 -5.91 -8.72
C GLN A 5 -2.70 -4.43 -8.76
N LYS A 6 -3.98 -4.14 -8.53
CA LYS A 6 -4.44 -2.78 -8.30
C LYS A 6 -5.86 -2.79 -7.76
N VAL A 7 -6.41 -1.58 -7.57
CA VAL A 7 -7.77 -1.43 -7.11
C VAL A 7 -7.97 -2.07 -5.74
N CYS A 8 -9.24 -2.29 -5.41
CA CYS A 8 -9.62 -3.11 -4.26
C CYS A 8 -10.15 -4.48 -4.78
N PRO A 9 -9.34 -5.52 -4.47
CA PRO A 9 -9.77 -6.93 -4.63
C PRO A 9 -10.87 -7.35 -3.67
N ALA A 10 -11.09 -6.52 -2.66
CA ALA A 10 -12.03 -6.83 -1.59
C ALA A 10 -13.45 -6.48 -2.01
N CYS A 11 -13.75 -5.18 -2.03
CA CYS A 11 -15.14 -4.73 -2.07
C CYS A 11 -15.58 -4.41 -3.48
N GLU A 12 -14.64 -4.44 -4.43
CA GLU A 12 -14.81 -3.76 -5.72
C GLU A 12 -15.01 -2.27 -5.51
N SER A 13 -13.95 -1.61 -5.06
CA SER A 13 -13.91 -0.15 -5.05
C SER A 13 -12.53 0.34 -5.49
N ALA A 14 -12.47 0.85 -6.72
CA ALA A 14 -11.21 1.11 -7.39
C ALA A 14 -10.46 2.28 -6.75
N GLU A 15 -11.20 3.05 -5.95
CA GLU A 15 -10.62 4.17 -5.22
C GLU A 15 -9.84 3.67 -4.01
N LEU A 16 -8.51 3.68 -4.14
CA LEU A 16 -7.63 3.50 -3.00
C LEU A 16 -6.94 4.81 -2.64
N ILE A 17 -6.10 4.74 -1.60
CA ILE A 17 -5.44 5.93 -1.09
C ILE A 17 -4.19 5.55 -0.31
N TYR A 18 -3.23 6.48 -0.26
CA TYR A 18 -1.91 6.19 0.25
C TYR A 18 -1.76 6.69 1.68
N ASP A 19 -0.79 6.14 2.38
CA ASP A 19 -0.62 6.37 3.81
C ASP A 19 0.88 6.51 4.14
N PRO A 20 1.42 7.71 3.89
CA PRO A 20 2.88 7.97 3.97
C PRO A 20 3.45 7.73 5.37
N GLU A 21 2.56 7.71 6.35
CA GLU A 21 2.95 7.61 7.75
C GLU A 21 3.38 6.17 8.06
N ARG A 22 2.67 5.23 7.46
CA ARG A 22 2.97 3.82 7.62
C ARG A 22 3.71 3.28 6.40
N GLY A 23 3.53 3.95 5.27
CA GLY A 23 3.95 3.44 3.98
C GLY A 23 2.89 2.51 3.40
N GLU A 24 1.64 2.86 3.64
CA GLU A 24 0.52 1.96 3.36
C GLU A 24 -0.28 2.47 2.17
N ILE A 25 -1.13 1.59 1.64
CA ILE A 25 -2.14 1.98 0.67
C ILE A 25 -3.45 1.25 0.94
N VAL A 26 -4.48 2.01 1.28
CA VAL A 26 -5.72 1.45 1.78
C VAL A 26 -6.82 1.61 0.73
N CYS A 27 -7.95 0.96 0.99
CA CYS A 27 -9.20 1.26 0.30
C CYS A 27 -9.75 2.61 0.76
N ALA A 28 -10.48 3.26 -0.14
CA ALA A 28 -11.21 4.48 0.19
C ALA A 28 -12.69 4.15 0.42
N LYS A 29 -12.96 2.85 0.57
CA LYS A 29 -14.33 2.36 0.67
C LYS A 29 -14.50 1.49 1.90
N CYS A 30 -13.87 0.31 1.86
CA CYS A 30 -14.11 -0.70 2.89
C CYS A 30 -13.15 -0.53 4.06
N GLY A 31 -12.09 0.25 3.83
CA GLY A 31 -11.11 0.50 4.87
C GLY A 31 -9.86 -0.36 4.69
N TYR A 32 -10.00 -1.34 3.78
CA TYR A 32 -9.03 -2.42 3.66
C TYR A 32 -7.70 -1.87 3.15
N VAL A 33 -6.63 -2.18 3.89
CA VAL A 33 -5.27 -1.96 3.41
C VAL A 33 -5.02 -2.78 2.15
N ILE A 34 -3.90 -2.47 1.51
CA ILE A 34 -3.42 -3.24 0.37
C ILE A 34 -2.06 -3.85 0.70
N GLU A 35 -1.04 -3.00 0.67
CA GLU A 35 0.26 -3.30 1.26
C GLU A 35 0.65 -2.21 2.26
N GLU A 36 1.55 -2.57 3.16
CA GLU A 36 1.99 -1.66 4.22
C GLU A 36 3.43 -1.99 4.62
N ASN A 37 4.28 -2.11 3.61
CA ASN A 37 5.72 -2.20 3.83
C ASN A 37 6.48 -1.82 2.56
N ILE A 38 6.19 -0.61 2.07
CA ILE A 38 6.66 -0.19 0.76
C ILE A 38 8.15 0.15 0.81
N ILE A 39 8.95 -0.86 1.07
CA ILE A 39 10.40 -0.71 1.07
C ILE A 39 11.09 -2.07 1.20
N ASP A 40 12.30 -2.14 0.67
CA ASP A 40 13.16 -3.29 0.89
C ASP A 40 14.61 -2.94 0.56
N MET A 41 15.23 -2.19 1.47
CA MET A 41 16.66 -1.94 1.42
C MET A 41 17.28 -2.21 2.78
N GLY A 42 16.76 -1.53 3.79
CA GLY A 42 17.11 -1.80 5.18
C GLY A 42 18.45 -1.13 5.52
N PRO A 43 18.43 0.22 5.54
CA PRO A 43 19.59 1.03 5.99
C PRO A 43 20.04 0.72 7.42
N GLU A 44 19.15 1.02 8.36
CA GLU A 44 19.46 0.88 9.77
C GLU A 44 18.17 0.73 10.58
N TRP A 45 17.60 -0.47 10.54
CA TRP A 45 16.25 -0.70 11.03
C TRP A 45 16.10 -2.14 11.51
N ARG A 46 16.70 -3.06 10.76
CA ARG A 46 16.81 -4.45 11.18
C ARG A 46 18.26 -4.78 11.51
N ALA A 47 18.42 -5.69 12.46
CA ALA A 47 19.75 -6.13 12.89
C ALA A 47 20.53 -4.95 13.47
N PHE A 48 21.13 -5.18 14.63
CA PHE A 48 21.99 -4.18 15.25
C PHE A 48 23.31 -4.83 15.69
N ASP A 49 24.36 -4.03 15.64
CA ASP A 49 25.68 -4.47 16.08
C ASP A 49 26.63 -3.29 16.19
N ALA A 50 27.29 -3.19 17.34
CA ALA A 50 28.38 -2.25 17.53
C ALA A 50 27.89 -0.82 17.34
ZN ZN B . -12.57 -1.95 -0.67
N MET A 1 -2.20 1.99 -21.16
CA MET A 1 -1.83 3.24 -20.49
C MET A 1 -1.36 2.95 -19.07
N VAL A 2 -0.92 4.00 -18.39
CA VAL A 2 -0.59 3.91 -16.97
C VAL A 2 -1.84 3.57 -16.17
N ASN A 3 -2.99 3.92 -16.73
CA ASN A 3 -4.27 3.60 -16.12
C ASN A 3 -4.39 4.27 -14.74
N LYS A 4 -5.34 3.78 -13.95
CA LYS A 4 -5.74 4.47 -12.73
C LYS A 4 -6.77 3.64 -11.97
N GLN A 5 -6.73 2.33 -12.21
CA GLN A 5 -7.81 1.45 -11.77
C GLN A 5 -7.25 0.28 -10.96
N LYS A 6 -6.25 0.59 -10.14
CA LYS A 6 -5.79 -0.30 -9.09
C LYS A 6 -6.92 -0.58 -8.11
N VAL A 7 -7.36 -1.84 -8.07
CA VAL A 7 -8.66 -2.20 -7.53
C VAL A 7 -8.53 -2.63 -6.06
N CYS A 8 -9.63 -2.47 -5.33
CA CYS A 8 -9.86 -3.24 -4.11
C CYS A 8 -10.39 -4.64 -4.50
N PRO A 9 -9.62 -5.66 -4.09
CA PRO A 9 -10.08 -7.08 -4.11
C PRO A 9 -11.22 -7.36 -3.15
N ALA A 10 -11.45 -6.43 -2.22
CA ALA A 10 -12.25 -6.71 -1.04
C ALA A 10 -13.69 -6.27 -1.26
N CYS A 11 -13.85 -5.04 -1.73
CA CYS A 11 -15.18 -4.51 -2.02
C CYS A 11 -15.42 -4.40 -3.53
N GLU A 12 -14.35 -4.56 -4.29
CA GLU A 12 -14.35 -4.24 -5.71
C GLU A 12 -14.68 -2.76 -5.92
N SER A 13 -14.02 -1.91 -5.14
CA SER A 13 -13.87 -0.50 -5.47
C SER A 13 -12.50 -0.24 -6.09
N ALA A 14 -12.49 0.66 -7.08
CA ALA A 14 -11.28 0.94 -7.82
C ALA A 14 -10.40 1.96 -7.11
N GLU A 15 -10.94 2.55 -6.05
CA GLU A 15 -10.35 3.73 -5.43
C GLU A 15 -9.51 3.33 -4.22
N LEU A 16 -8.24 3.77 -4.24
CA LEU A 16 -7.35 3.59 -3.11
C LEU A 16 -6.58 4.89 -2.84
N ILE A 17 -6.05 4.98 -1.62
CA ILE A 17 -5.30 6.15 -1.20
C ILE A 17 -4.14 5.75 -0.29
N TYR A 18 -3.13 6.60 -0.24
CA TYR A 18 -1.86 6.26 0.38
C TYR A 18 -1.73 6.92 1.75
N ASP A 19 -1.04 6.25 2.65
CA ASP A 19 -0.88 6.72 4.02
C ASP A 19 0.60 6.62 4.44
N PRO A 20 1.35 7.70 4.17
CA PRO A 20 2.81 7.74 4.38
C PRO A 20 3.24 7.50 5.83
N GLU A 21 2.28 7.72 6.72
CA GLU A 21 2.53 7.58 8.15
C GLU A 21 2.75 6.10 8.50
N ARG A 22 2.02 5.24 7.79
CA ARG A 22 2.16 3.81 7.95
C ARG A 22 3.04 3.24 6.84
N GLY A 23 3.18 4.00 5.77
CA GLY A 23 3.73 3.49 4.52
C GLY A 23 2.76 2.47 3.91
N GLU A 24 1.50 2.88 3.77
CA GLU A 24 0.40 1.94 3.55
C GLU A 24 -0.62 2.57 2.59
N ILE A 25 -0.89 1.84 1.51
CA ILE A 25 -2.00 2.16 0.63
C ILE A 25 -3.26 1.40 1.06
N VAL A 26 -4.37 2.13 1.11
CA VAL A 26 -5.60 1.61 1.70
C VAL A 26 -6.75 1.75 0.70
N CYS A 27 -7.90 1.21 1.10
CA CYS A 27 -9.16 1.44 0.41
C CYS A 27 -9.79 2.74 0.90
N ALA A 28 -10.37 3.47 -0.04
CA ALA A 28 -11.23 4.61 0.28
C ALA A 28 -12.69 4.18 0.26
N LYS A 29 -12.91 2.90 0.55
CA LYS A 29 -14.26 2.37 0.74
C LYS A 29 -14.35 1.61 2.06
N CYS A 30 -13.68 0.46 2.10
CA CYS A 30 -13.89 -0.48 3.20
C CYS A 30 -12.91 -0.24 4.33
N GLY A 31 -11.85 0.51 4.02
CA GLY A 31 -10.82 0.82 5.00
C GLY A 31 -9.60 -0.08 4.83
N TYR A 32 -9.77 -1.10 3.99
CA TYR A 32 -8.79 -2.18 3.87
C TYR A 32 -7.50 -1.65 3.25
N VAL A 33 -6.39 -2.08 3.84
CA VAL A 33 -5.07 -1.86 3.25
C VAL A 33 -4.99 -2.55 1.88
N ILE A 34 -3.94 -2.20 1.16
CA ILE A 34 -3.60 -2.88 -0.09
C ILE A 34 -2.21 -3.52 0.04
N GLU A 35 -1.19 -2.67 0.05
CA GLU A 35 0.19 -3.13 0.12
C GLU A 35 0.84 -2.58 1.39
N GLU A 36 1.80 -3.35 1.92
CA GLU A 36 2.72 -2.86 2.94
C GLU A 36 4.16 -3.01 2.46
N ASN A 37 4.41 -2.48 1.26
CA ASN A 37 5.71 -2.63 0.63
C ASN A 37 6.06 -1.36 -0.16
N ILE A 38 6.47 -0.34 0.58
CA ILE A 38 7.11 0.83 -0.02
C ILE A 38 8.44 1.11 0.66
N ILE A 39 9.47 1.29 -0.17
CA ILE A 39 10.80 1.61 0.30
C ILE A 39 11.50 0.37 0.87
N ASP A 40 10.85 -0.28 1.82
CA ASP A 40 11.47 -1.36 2.57
C ASP A 40 11.88 -2.50 1.64
N MET A 41 13.17 -2.58 1.36
CA MET A 41 13.75 -3.73 0.66
C MET A 41 15.11 -4.07 1.27
N GLY A 42 15.16 -5.24 1.91
CA GLY A 42 16.35 -5.69 2.59
C GLY A 42 15.98 -6.29 3.97
N PRO A 43 15.87 -5.40 4.97
CA PRO A 43 15.67 -5.81 6.38
C PRO A 43 14.49 -6.75 6.59
N GLU A 44 14.74 -7.84 7.31
CA GLU A 44 13.70 -8.81 7.63
C GLU A 44 12.95 -8.37 8.89
N TRP A 45 11.97 -9.19 9.26
CA TRP A 45 11.10 -8.90 10.39
C TRP A 45 11.71 -9.41 11.68
N ARG A 46 11.62 -10.73 11.86
CA ARG A 46 12.23 -11.40 13.00
C ARG A 46 13.26 -12.42 12.54
N ALA A 47 14.18 -12.74 13.44
CA ALA A 47 15.10 -13.85 13.22
C ALA A 47 14.59 -15.11 13.92
N PHE A 48 13.30 -15.11 14.20
CA PHE A 48 12.69 -16.13 15.05
C PHE A 48 12.16 -17.28 14.19
N ASP A 49 11.07 -17.02 13.50
CA ASP A 49 10.33 -18.07 12.81
C ASP A 49 10.33 -17.82 11.30
N ALA A 50 10.59 -18.89 10.55
CA ALA A 50 10.67 -18.81 9.11
C ALA A 50 10.08 -20.07 8.47
ZN ZN B . -12.50 -1.89 -0.34
N MET A 1 -3.47 8.28 -2.43
CA MET A 1 -4.11 9.17 -3.41
C MET A 1 -3.94 8.60 -4.81
N VAL A 2 -4.91 8.90 -5.66
CA VAL A 2 -4.87 8.49 -7.06
C VAL A 2 -4.78 6.97 -7.19
N ASN A 3 -4.68 6.52 -8.43
CA ASN A 3 -4.51 5.10 -8.71
C ASN A 3 -3.94 4.89 -10.12
N LYS A 4 -2.74 4.32 -10.15
CA LYS A 4 -2.14 3.87 -11.39
C LYS A 4 -1.88 2.37 -11.35
N GLN A 5 -1.86 1.83 -10.13
CA GLN A 5 -1.34 0.48 -9.90
C GLN A 5 -2.47 -0.42 -9.38
N LYS A 6 -2.79 -0.25 -8.11
CA LYS A 6 -3.57 -1.23 -7.37
C LYS A 6 -5.02 -0.78 -7.26
N VAL A 7 -5.93 -1.75 -7.36
CA VAL A 7 -7.32 -1.55 -7.00
C VAL A 7 -7.58 -2.06 -5.58
N CYS A 8 -8.85 -2.28 -5.29
CA CYS A 8 -9.28 -3.06 -4.14
C CYS A 8 -9.65 -4.50 -4.62
N PRO A 9 -8.81 -5.46 -4.15
CA PRO A 9 -9.11 -6.91 -4.25
C PRO A 9 -10.30 -7.36 -3.39
N ALA A 10 -10.69 -6.47 -2.48
CA ALA A 10 -11.76 -6.78 -1.54
C ALA A 10 -13.12 -6.49 -2.17
N CYS A 11 -13.46 -5.21 -2.25
CA CYS A 11 -14.84 -4.82 -2.49
C CYS A 11 -15.15 -4.70 -3.98
N GLU A 12 -14.11 -4.76 -4.80
CA GLU A 12 -14.15 -4.24 -6.17
C GLU A 12 -14.46 -2.74 -6.14
N SER A 13 -13.54 -1.97 -5.58
CA SER A 13 -13.51 -0.53 -5.79
C SER A 13 -12.08 -0.07 -6.05
N ALA A 14 -11.96 0.96 -6.88
CA ALA A 14 -10.66 1.42 -7.37
C ALA A 14 -10.09 2.54 -6.50
N GLU A 15 -10.98 3.14 -5.71
CA GLU A 15 -10.62 4.28 -4.88
C GLU A 15 -9.86 3.81 -3.63
N LEU A 16 -8.63 4.30 -3.52
CA LEU A 16 -7.81 4.00 -2.35
C LEU A 16 -7.21 5.29 -1.79
N ILE A 17 -6.40 5.13 -0.75
CA ILE A 17 -5.81 6.25 -0.04
C ILE A 17 -4.53 5.82 0.66
N TYR A 18 -3.46 6.58 0.43
CA TYR A 18 -2.12 6.16 0.80
C TYR A 18 -1.75 6.71 2.17
N ASP A 19 -1.11 5.87 2.96
CA ASP A 19 -0.53 6.29 4.23
C ASP A 19 1.01 6.35 4.12
N PRO A 20 1.50 7.51 3.66
CA PRO A 20 2.93 7.68 3.28
C PRO A 20 3.89 7.42 4.44
N GLU A 21 3.34 7.48 5.65
CA GLU A 21 4.12 7.23 6.85
C GLU A 21 4.54 5.76 6.91
N ARG A 22 3.53 4.89 6.82
CA ARG A 22 3.75 3.45 6.85
C ARG A 22 4.10 2.94 5.45
N GLY A 23 3.76 3.74 4.45
CA GLY A 23 3.78 3.29 3.06
C GLY A 23 2.57 2.42 2.75
N GLU A 24 1.54 2.59 3.58
CA GLU A 24 0.31 1.82 3.45
C GLU A 24 -0.50 2.33 2.27
N ILE A 25 -1.44 1.51 1.82
CA ILE A 25 -2.44 1.92 0.84
C ILE A 25 -3.79 1.28 1.17
N VAL A 26 -4.76 2.13 1.50
CA VAL A 26 -6.03 1.68 2.06
C VAL A 26 -7.16 1.91 1.06
N CYS A 27 -8.34 1.44 1.46
CA CYS A 27 -9.54 1.62 0.65
C CYS A 27 -10.41 2.73 1.24
N ALA A 28 -11.01 3.51 0.34
CA ALA A 28 -11.94 4.55 0.72
C ALA A 28 -13.38 4.06 0.55
N LYS A 29 -13.53 2.74 0.46
CA LYS A 29 -14.75 2.14 -0.10
C LYS A 29 -15.16 0.93 0.72
N CYS A 30 -14.17 0.31 1.37
CA CYS A 30 -14.43 -0.61 2.47
C CYS A 30 -13.58 -0.30 3.69
N GLY A 31 -12.54 0.51 3.46
CA GLY A 31 -11.65 0.90 4.54
C GLY A 31 -10.40 0.03 4.60
N TYR A 32 -10.46 -1.07 3.82
CA TYR A 32 -9.44 -2.09 3.87
C TYR A 32 -8.08 -1.52 3.47
N VAL A 33 -7.05 -1.91 4.22
CA VAL A 33 -5.68 -1.82 3.74
C VAL A 33 -5.39 -2.99 2.77
N ILE A 34 -4.35 -2.76 1.96
CA ILE A 34 -3.71 -3.82 1.21
C ILE A 34 -2.28 -4.02 1.71
N GLU A 35 -1.42 -3.07 1.33
CA GLU A 35 0.02 -3.23 1.52
C GLU A 35 0.56 -2.15 2.46
N GLU A 36 1.76 -2.40 2.97
CA GLU A 36 2.42 -1.43 3.84
C GLU A 36 3.92 -1.41 3.54
N ASN A 37 4.23 -1.28 2.25
CA ASN A 37 5.61 -1.20 1.79
C ASN A 37 5.68 -0.54 0.42
N ILE A 38 6.85 0.00 0.11
CA ILE A 38 7.16 0.46 -1.24
C ILE A 38 8.34 -0.31 -1.82
N ILE A 39 8.23 -0.65 -3.10
CA ILE A 39 9.17 -1.56 -3.73
C ILE A 39 10.58 -0.98 -3.69
N ASP A 40 11.52 -1.84 -3.31
CA ASP A 40 12.93 -1.45 -3.21
C ASP A 40 13.81 -2.68 -3.05
N MET A 41 14.40 -3.10 -4.17
CA MET A 41 15.48 -4.08 -4.15
C MET A 41 16.79 -3.43 -4.61
N GLY A 42 17.86 -3.76 -3.89
CA GLY A 42 19.19 -3.32 -4.25
C GLY A 42 19.90 -2.71 -3.02
N PRO A 43 19.20 -1.76 -2.36
CA PRO A 43 19.84 -0.85 -1.38
C PRO A 43 20.63 -1.58 -0.30
N GLU A 44 19.94 -2.01 0.74
CA GLU A 44 20.57 -2.38 2.01
C GLU A 44 20.91 -3.88 1.99
N TRP A 45 22.17 -4.18 1.71
CA TRP A 45 22.73 -5.49 1.98
C TRP A 45 21.99 -6.56 1.17
N ARG A 46 22.69 -7.08 0.17
CA ARG A 46 22.29 -8.33 -0.47
C ARG A 46 23.44 -8.88 -1.31
N ALA A 47 23.59 -8.33 -2.51
CA ALA A 47 24.75 -8.63 -3.35
C ALA A 47 24.78 -10.11 -3.70
N PHE A 48 25.77 -10.48 -4.51
CA PHE A 48 26.11 -11.89 -4.72
C PHE A 48 27.60 -12.04 -4.98
N ASP A 49 28.36 -12.08 -3.89
CA ASP A 49 29.81 -12.00 -3.96
C ASP A 49 30.42 -12.22 -2.58
N ALA A 50 29.93 -11.45 -1.61
CA ALA A 50 30.54 -11.39 -0.29
C ALA A 50 30.12 -12.59 0.55
ZN ZN B . -12.50 -1.85 -0.82
N MET A 1 -9.71 9.02 -19.34
CA MET A 1 -9.06 8.18 -18.33
C MET A 1 -9.77 6.83 -18.23
N VAL A 2 -9.33 5.90 -19.07
CA VAL A 2 -9.81 4.52 -19.00
C VAL A 2 -8.64 3.57 -18.83
N ASN A 3 -7.98 3.69 -17.68
CA ASN A 3 -6.71 3.00 -17.45
C ASN A 3 -6.37 3.02 -15.96
N LYS A 4 -6.61 1.89 -15.31
CA LYS A 4 -6.15 1.66 -13.95
C LYS A 4 -5.95 0.18 -13.69
N GLN A 5 -5.01 -0.13 -12.80
CA GLN A 5 -4.72 -1.50 -12.43
C GLN A 5 -4.40 -1.60 -10.93
N LYS A 6 -4.92 -0.63 -10.18
CA LYS A 6 -4.91 -0.70 -8.73
C LYS A 6 -6.34 -0.62 -8.19
N VAL A 7 -6.72 -1.63 -7.42
CA VAL A 7 -8.10 -1.84 -7.03
C VAL A 7 -8.18 -2.34 -5.59
N CYS A 8 -9.40 -2.34 -5.06
CA CYS A 8 -9.73 -3.14 -3.88
C CYS A 8 -10.20 -4.54 -4.31
N PRO A 9 -9.41 -5.55 -3.88
CA PRO A 9 -9.81 -6.98 -3.98
C PRO A 9 -11.00 -7.35 -3.11
N ALA A 10 -11.35 -6.44 -2.21
CA ALA A 10 -12.45 -6.65 -1.28
C ALA A 10 -13.77 -6.17 -1.90
N CYS A 11 -13.96 -4.85 -1.90
CA CYS A 11 -15.26 -4.27 -2.16
C CYS A 11 -15.50 -4.09 -3.66
N GLU A 12 -14.46 -4.32 -4.45
CA GLU A 12 -14.42 -3.94 -5.85
C GLU A 12 -14.66 -2.44 -6.02
N SER A 13 -13.92 -1.66 -5.24
CA SER A 13 -13.76 -0.23 -5.51
C SER A 13 -12.42 0.04 -6.17
N ALA A 14 -12.38 1.09 -6.99
CA ALA A 14 -11.18 1.44 -7.73
C ALA A 14 -10.34 2.50 -6.99
N GLU A 15 -10.99 3.14 -6.02
CA GLU A 15 -10.36 4.21 -5.25
C GLU A 15 -9.56 3.62 -4.09
N LEU A 16 -8.24 3.72 -4.20
CA LEU A 16 -7.34 3.43 -3.09
C LEU A 16 -6.50 4.67 -2.77
N ILE A 17 -5.85 4.62 -1.61
CA ILE A 17 -5.18 5.78 -1.05
C ILE A 17 -3.89 5.37 -0.34
N TYR A 18 -2.81 6.06 -0.69
CA TYR A 18 -1.54 5.89 0.00
C TYR A 18 -1.58 6.54 1.39
N ASP A 19 -0.59 6.21 2.20
CA ASP A 19 -0.60 6.56 3.61
C ASP A 19 0.85 6.76 4.11
N PRO A 20 1.33 8.01 3.99
CA PRO A 20 2.74 8.36 4.25
C PRO A 20 3.18 8.10 5.70
N GLU A 21 2.18 7.97 6.56
CA GLU A 21 2.41 7.83 7.99
C GLU A 21 2.91 6.42 8.30
N ARG A 22 2.35 5.45 7.57
CA ARG A 22 2.67 4.05 7.80
C ARG A 22 3.49 3.50 6.63
N GLY A 23 3.39 4.19 5.49
CA GLY A 23 3.90 3.67 4.24
C GLY A 23 2.92 2.65 3.66
N GLU A 24 1.64 3.01 3.64
CA GLU A 24 0.57 2.05 3.36
C GLU A 24 -0.20 2.50 2.12
N ILE A 25 -1.03 1.60 1.61
CA ILE A 25 -2.05 1.95 0.63
C ILE A 25 -3.37 1.27 0.98
N VAL A 26 -4.34 2.09 1.36
CA VAL A 26 -5.60 1.60 1.91
C VAL A 26 -6.71 1.74 0.87
N CYS A 27 -7.85 1.11 1.17
CA CYS A 27 -9.10 1.40 0.49
C CYS A 27 -9.64 2.76 0.94
N ALA A 28 -10.42 3.38 0.05
CA ALA A 28 -11.18 4.58 0.40
C ALA A 28 -12.65 4.24 0.52
N LYS A 29 -12.92 2.96 0.73
CA LYS A 29 -14.29 2.46 0.80
C LYS A 29 -14.50 1.63 2.06
N CYS A 30 -14.06 0.38 2.03
CA CYS A 30 -14.61 -0.63 2.94
C CYS A 30 -13.82 -0.70 4.24
N GLY A 31 -12.72 0.06 4.31
CA GLY A 31 -11.66 -0.25 5.28
C GLY A 31 -11.03 -1.60 4.86
N TYR A 32 -10.07 -1.47 3.96
CA TYR A 32 -9.11 -2.53 3.69
C TYR A 32 -7.79 -1.95 3.18
N VAL A 33 -6.70 -2.37 3.81
CA VAL A 33 -5.37 -2.12 3.29
C VAL A 33 -5.05 -3.12 2.16
N ILE A 34 -3.97 -2.80 1.45
CA ILE A 34 -3.35 -3.73 0.51
C ILE A 34 -1.87 -3.86 0.84
N GLU A 35 -1.11 -2.83 0.48
CA GLU A 35 0.34 -2.93 0.37
C GLU A 35 0.99 -2.34 1.62
N GLU A 36 1.96 -3.08 2.15
CA GLU A 36 2.70 -2.65 3.32
C GLU A 36 4.14 -2.29 2.95
N ASN A 37 4.57 -1.13 3.42
CA ASN A 37 5.97 -0.75 3.36
C ASN A 37 6.39 -0.46 1.91
N ILE A 38 7.42 0.35 1.77
CA ILE A 38 8.09 0.54 0.50
C ILE A 38 9.37 -0.29 0.43
N ILE A 39 9.34 -1.30 -0.43
CA ILE A 39 10.37 -2.34 -0.43
C ILE A 39 11.62 -1.84 -1.15
N ASP A 40 12.78 -2.29 -0.66
CA ASP A 40 14.03 -2.08 -1.36
C ASP A 40 14.96 -3.29 -1.15
N MET A 41 15.84 -3.15 -0.17
CA MET A 41 16.83 -4.18 0.12
C MET A 41 16.26 -5.19 1.11
N GLY A 42 16.59 -6.46 0.88
CA GLY A 42 15.98 -7.55 1.61
C GLY A 42 16.28 -7.42 3.12
N PRO A 43 15.29 -6.89 3.86
CA PRO A 43 15.41 -6.73 5.33
C PRO A 43 15.71 -8.05 6.05
N GLU A 44 16.93 -8.13 6.59
CA GLU A 44 17.27 -9.20 7.52
C GLU A 44 18.22 -8.66 8.59
N TRP A 45 19.42 -8.30 8.14
CA TRP A 45 20.48 -7.87 9.04
C TRP A 45 21.70 -7.40 8.24
N ARG A 46 21.43 -6.73 7.13
CA ARG A 46 22.47 -6.03 6.38
C ARG A 46 21.91 -4.76 5.76
N ALA A 47 22.48 -3.63 6.18
CA ALA A 47 21.92 -2.33 5.85
C ALA A 47 22.94 -1.48 5.11
N PHE A 48 24.14 -1.42 5.68
CA PHE A 48 25.16 -0.47 5.23
C PHE A 48 26.24 -1.20 4.43
N ASP A 49 26.25 -0.94 3.13
CA ASP A 49 27.08 -1.70 2.20
C ASP A 49 27.88 -0.76 1.31
N ALA A 50 27.17 -0.05 0.44
CA ALA A 50 27.80 0.73 -0.62
C ALA A 50 28.71 1.80 -0.02
ZN ZN B . -12.56 -1.79 -0.26
N MET A 1 1.88 -5.31 -10.73
CA MET A 1 2.89 -5.48 -9.68
C MET A 1 3.03 -6.96 -9.34
N VAL A 2 3.58 -7.24 -8.17
CA VAL A 2 3.98 -8.59 -7.80
C VAL A 2 2.84 -9.29 -7.06
N ASN A 3 2.44 -8.70 -5.94
CA ASN A 3 1.57 -9.38 -4.98
C ASN A 3 0.23 -9.71 -5.62
N LYS A 4 -0.76 -8.86 -5.35
CA LYS A 4 -2.15 -9.18 -5.64
C LYS A 4 -2.83 -8.02 -6.34
N GLN A 5 -2.59 -7.91 -7.64
CA GLN A 5 -3.42 -7.05 -8.49
C GLN A 5 -3.36 -5.61 -8.03
N LYS A 6 -4.26 -4.79 -8.58
CA LYS A 6 -4.47 -3.44 -8.09
C LYS A 6 -5.86 -3.31 -7.46
N VAL A 7 -6.25 -2.07 -7.19
CA VAL A 7 -7.59 -1.77 -6.74
C VAL A 7 -7.90 -2.49 -5.43
N CYS A 8 -9.19 -2.52 -5.10
CA CYS A 8 -9.67 -3.28 -3.96
C CYS A 8 -10.24 -4.65 -4.44
N PRO A 9 -9.43 -5.70 -4.17
CA PRO A 9 -9.89 -7.10 -4.27
C PRO A 9 -11.08 -7.44 -3.37
N ALA A 10 -11.36 -6.54 -2.44
CA ALA A 10 -12.33 -6.81 -1.39
C ALA A 10 -13.73 -6.40 -1.84
N CYS A 11 -13.89 -5.10 -2.13
CA CYS A 11 -15.22 -4.55 -2.40
C CYS A 11 -15.46 -4.39 -3.89
N GLU A 12 -14.40 -4.53 -4.67
CA GLU A 12 -14.37 -4.05 -6.05
C GLU A 12 -14.61 -2.54 -6.09
N SER A 13 -13.73 -1.82 -5.39
CA SER A 13 -13.54 -0.39 -5.64
C SER A 13 -12.13 -0.13 -6.20
N ALA A 14 -11.93 1.11 -6.62
CA ALA A 14 -10.65 1.51 -7.18
C ALA A 14 -10.18 2.86 -6.64
N GLU A 15 -11.08 3.54 -5.93
CA GLU A 15 -10.71 4.71 -5.14
C GLU A 15 -9.89 4.28 -3.94
N LEU A 16 -8.64 3.91 -4.21
CA LEU A 16 -7.70 3.57 -3.15
C LEU A 16 -6.99 4.82 -2.65
N ILE A 17 -6.16 4.62 -1.63
CA ILE A 17 -5.36 5.71 -1.08
C ILE A 17 -3.99 5.20 -0.63
N TYR A 18 -3.16 6.14 -0.18
CA TYR A 18 -1.84 5.80 0.33
C TYR A 18 -1.53 6.61 1.58
N ASP A 19 -0.86 5.96 2.52
CA ASP A 19 -0.72 6.48 3.88
C ASP A 19 0.77 6.72 4.20
N PRO A 20 1.25 7.93 3.86
CA PRO A 20 2.71 8.24 3.89
C PRO A 20 3.33 8.09 5.28
N GLU A 21 2.47 8.05 6.28
CA GLU A 21 2.90 8.07 7.68
C GLU A 21 3.36 6.69 8.11
N ARG A 22 2.71 5.68 7.53
CA ARG A 22 3.04 4.29 7.82
C ARG A 22 3.63 3.60 6.59
N GLY A 23 3.37 4.20 5.43
CA GLY A 23 3.64 3.55 4.16
C GLY A 23 2.60 2.49 3.86
N GLU A 24 1.34 2.89 3.90
CA GLU A 24 0.22 1.96 3.82
C GLU A 24 -0.76 2.40 2.73
N ILE A 25 -1.02 1.49 1.81
CA ILE A 25 -2.07 1.68 0.82
C ILE A 25 -3.36 0.96 1.26
N VAL A 26 -4.43 1.74 1.34
CA VAL A 26 -5.69 1.25 1.88
C VAL A 26 -6.83 1.48 0.89
N CYS A 27 -8.00 1.03 1.28
CA CYS A 27 -9.24 1.33 0.56
C CYS A 27 -9.84 2.64 1.08
N ALA A 28 -10.35 3.43 0.15
CA ALA A 28 -11.17 4.59 0.49
C ALA A 28 -12.65 4.23 0.40
N LYS A 29 -12.94 2.94 0.58
CA LYS A 29 -14.30 2.46 0.68
C LYS A 29 -14.49 1.64 1.96
N CYS A 30 -13.90 0.44 1.96
CA CYS A 30 -14.20 -0.53 3.01
C CYS A 30 -13.26 -0.38 4.20
N GLY A 31 -12.16 0.34 3.96
CA GLY A 31 -11.16 0.57 5.00
C GLY A 31 -9.95 -0.35 4.84
N TYR A 32 -10.12 -1.32 3.95
CA TYR A 32 -9.19 -2.43 3.84
C TYR A 32 -7.85 -1.95 3.31
N VAL A 33 -6.78 -2.33 4.02
CA VAL A 33 -5.42 -2.14 3.53
C VAL A 33 -5.22 -2.93 2.22
N ILE A 34 -4.11 -2.63 1.58
CA ILE A 34 -3.70 -3.34 0.38
C ILE A 34 -2.35 -4.04 0.62
N GLU A 35 -1.31 -3.23 0.69
CA GLU A 35 0.03 -3.72 0.99
C GLU A 35 0.79 -2.70 1.81
N GLU A 36 2.03 -3.05 2.16
CA GLU A 36 2.98 -2.10 2.73
C GLU A 36 4.39 -2.40 2.20
N ASN A 37 4.62 -1.97 0.97
CA ASN A 37 5.86 -2.30 0.26
C ASN A 37 6.79 -1.10 0.24
N ILE A 38 6.91 -0.46 1.39
CA ILE A 38 7.95 0.55 1.61
C ILE A 38 8.54 0.41 3.00
N ILE A 39 9.48 -0.53 3.14
CA ILE A 39 9.91 -0.98 4.46
C ILE A 39 10.52 0.18 5.25
N ASP A 40 9.96 0.40 6.43
CA ASP A 40 10.54 1.34 7.39
C ASP A 40 10.30 0.87 8.81
N MET A 41 10.46 -0.43 9.01
CA MET A 41 9.98 -1.10 10.22
C MET A 41 11.14 -1.51 11.10
N GLY A 42 11.03 -1.16 12.39
CA GLY A 42 12.14 -1.33 13.32
C GLY A 42 11.98 -2.63 14.12
N PRO A 43 10.77 -2.80 14.70
CA PRO A 43 10.51 -3.87 15.71
C PRO A 43 10.63 -5.28 15.14
N GLU A 44 10.93 -5.33 13.84
CA GLU A 44 11.02 -6.62 13.14
C GLU A 44 12.44 -7.15 13.20
N TRP A 45 12.98 -7.19 14.42
CA TRP A 45 14.22 -7.90 14.71
C TRP A 45 15.40 -7.22 14.02
N ARG A 46 16.27 -6.64 14.83
CA ARG A 46 17.32 -5.77 14.33
C ARG A 46 18.41 -5.57 15.38
N ALA A 47 18.52 -6.57 16.27
CA ALA A 47 19.35 -6.43 17.46
C ALA A 47 20.79 -6.83 17.14
N PHE A 48 20.93 -7.87 16.33
CA PHE A 48 22.21 -8.55 16.16
C PHE A 48 23.21 -7.63 15.47
N ASP A 49 23.10 -7.55 14.14
CA ASP A 49 23.83 -6.60 13.35
C ASP A 49 25.34 -6.67 13.60
N ALA A 50 25.83 -5.72 14.39
CA ALA A 50 27.19 -5.79 14.90
C ALA A 50 27.18 -5.81 16.43
ZN ZN B . -12.64 -1.84 -0.50
N MET A 1 -0.68 2.97 -9.67
CA MET A 1 -1.69 3.81 -10.34
C MET A 1 -1.35 3.95 -11.81
N VAL A 2 -1.57 2.87 -12.57
CA VAL A 2 -1.48 2.93 -14.02
C VAL A 2 -2.68 3.67 -14.60
N ASN A 3 -2.89 3.48 -15.90
CA ASN A 3 -4.08 3.96 -16.57
C ASN A 3 -5.16 2.86 -16.59
N LYS A 4 -5.03 1.94 -15.64
CA LYS A 4 -6.07 0.96 -15.38
C LYS A 4 -6.49 0.98 -13.92
N GLN A 5 -5.69 1.68 -13.12
CA GLN A 5 -6.03 1.96 -11.73
C GLN A 5 -5.95 0.68 -10.89
N LYS A 6 -5.08 0.72 -9.89
CA LYS A 6 -5.09 -0.29 -8.84
C LYS A 6 -6.43 -0.27 -8.09
N VAL A 7 -6.90 -1.46 -7.74
CA VAL A 7 -8.29 -1.65 -7.34
C VAL A 7 -8.36 -2.26 -5.94
N CYS A 8 -9.58 -2.63 -5.56
CA CYS A 8 -9.83 -3.36 -4.33
C CYS A 8 -10.30 -4.80 -4.67
N PRO A 9 -9.45 -5.77 -4.24
CA PRO A 9 -9.82 -7.20 -4.22
C PRO A 9 -10.91 -7.56 -3.21
N ALA A 10 -11.18 -6.60 -2.32
CA ALA A 10 -12.20 -6.80 -1.30
C ALA A 10 -13.57 -6.40 -1.84
N CYS A 11 -13.79 -5.10 -1.96
CA CYS A 11 -15.14 -4.58 -2.21
C CYS A 11 -15.45 -4.50 -3.70
N GLU A 12 -14.43 -4.70 -4.51
CA GLU A 12 -14.47 -4.42 -5.94
C GLU A 12 -14.84 -2.96 -6.19
N SER A 13 -14.12 -2.06 -5.53
CA SER A 13 -14.08 -0.65 -5.91
C SER A 13 -12.64 -0.14 -5.90
N ALA A 14 -12.37 0.80 -6.80
CA ALA A 14 -10.99 1.10 -7.21
C ALA A 14 -10.34 2.13 -6.29
N GLU A 15 -11.19 2.81 -5.53
CA GLU A 15 -10.77 3.95 -4.73
C GLU A 15 -9.86 3.49 -3.59
N LEU A 16 -8.59 3.84 -3.72
CA LEU A 16 -7.60 3.60 -2.68
C LEU A 16 -6.84 4.88 -2.36
N ILE A 17 -6.08 4.83 -1.27
CA ILE A 17 -5.42 6.02 -0.73
C ILE A 17 -4.17 5.62 0.05
N TYR A 18 -3.19 6.52 0.05
CA TYR A 18 -1.86 6.20 0.54
C TYR A 18 -1.62 6.84 1.90
N ASP A 19 -0.70 6.25 2.65
CA ASP A 19 -0.47 6.62 4.04
C ASP A 19 1.05 6.61 4.34
N PRO A 20 1.72 7.70 3.90
CA PRO A 20 3.20 7.78 3.92
C PRO A 20 3.81 7.65 5.31
N GLU A 21 2.96 7.90 6.30
CA GLU A 21 3.38 7.89 7.69
C GLU A 21 3.51 6.44 8.19
N ARG A 22 2.57 5.61 7.75
CA ARG A 22 2.60 4.19 8.04
C ARG A 22 3.45 3.46 6.99
N GLY A 23 3.41 3.98 5.77
CA GLY A 23 3.93 3.26 4.61
C GLY A 23 2.91 2.24 4.10
N GLU A 24 1.70 2.73 3.87
CA GLU A 24 0.56 1.85 3.62
C GLU A 24 -0.33 2.45 2.52
N ILE A 25 -0.90 1.57 1.72
CA ILE A 25 -2.00 1.94 0.82
C ILE A 25 -3.28 1.21 1.23
N VAL A 26 -4.38 1.96 1.21
CA VAL A 26 -5.63 1.48 1.79
C VAL A 26 -6.77 1.68 0.80
N CYS A 27 -7.95 1.22 1.23
CA CYS A 27 -9.19 1.45 0.48
C CYS A 27 -9.97 2.59 1.13
N ALA A 28 -10.53 3.45 0.28
CA ALA A 28 -11.38 4.54 0.74
C ALA A 28 -12.85 4.13 0.63
N LYS A 29 -13.09 2.83 0.48
CA LYS A 29 -14.37 2.34 -0.03
C LYS A 29 -14.86 1.18 0.83
N CYS A 30 -13.90 0.51 1.48
CA CYS A 30 -14.20 -0.34 2.62
C CYS A 30 -13.28 -0.04 3.80
N GLY A 31 -12.19 0.67 3.50
CA GLY A 31 -11.22 1.03 4.53
C GLY A 31 -10.01 0.11 4.53
N TYR A 32 -10.15 -0.98 3.76
CA TYR A 32 -9.20 -2.08 3.81
C TYR A 32 -7.85 -1.62 3.26
N VAL A 33 -6.80 -2.05 3.95
CA VAL A 33 -5.43 -1.89 3.46
C VAL A 33 -5.26 -2.64 2.14
N ILE A 34 -4.14 -2.34 1.49
CA ILE A 34 -3.75 -3.04 0.26
C ILE A 34 -2.40 -3.72 0.48
N GLU A 35 -1.35 -2.90 0.49
CA GLU A 35 0.01 -3.41 0.51
C GLU A 35 0.80 -2.75 1.64
N GLU A 36 2.13 -2.90 1.57
CA GLU A 36 3.00 -2.47 2.66
C GLU A 36 3.91 -1.34 2.17
N ASN A 37 4.88 -1.00 3.02
CA ASN A 37 5.64 0.24 2.86
C ASN A 37 6.46 0.20 1.57
N ILE A 38 5.93 0.82 0.53
CA ILE A 38 6.69 1.10 -0.69
C ILE A 38 7.30 -0.17 -1.28
N ILE A 39 6.57 -0.76 -2.22
CA ILE A 39 7.09 -1.85 -3.04
C ILE A 39 8.04 -1.30 -4.10
N ASP A 40 9.30 -1.70 -3.99
CA ASP A 40 10.28 -1.45 -5.04
C ASP A 40 10.59 -2.73 -5.81
N MET A 41 11.39 -3.59 -5.19
CA MET A 41 11.61 -4.94 -5.67
C MET A 41 12.49 -5.73 -4.71
N GLY A 42 11.84 -6.35 -3.73
CA GLY A 42 12.52 -7.01 -2.64
C GLY A 42 11.57 -8.00 -1.94
N PRO A 43 11.94 -8.39 -0.71
CA PRO A 43 11.08 -9.21 0.18
C PRO A 43 9.69 -8.60 0.41
N GLU A 44 9.08 -8.99 1.52
CA GLU A 44 7.87 -8.33 2.01
C GLU A 44 8.13 -7.73 3.38
N TRP A 45 8.21 -8.61 4.38
CA TRP A 45 8.42 -8.20 5.76
C TRP A 45 9.47 -9.07 6.43
N ARG A 46 9.74 -8.77 7.69
CA ARG A 46 10.90 -9.32 8.39
C ARG A 46 12.19 -8.79 7.76
N ALA A 47 12.53 -9.34 6.60
CA ALA A 47 13.53 -8.73 5.72
C ALA A 47 14.88 -8.65 6.44
N PHE A 48 15.82 -7.96 5.81
CA PHE A 48 17.05 -7.54 6.48
C PHE A 48 17.84 -6.60 5.57
N ASP A 49 17.67 -5.30 5.81
CA ASP A 49 18.14 -4.28 4.90
C ASP A 49 18.83 -3.15 5.67
N ALA A 50 20.01 -2.77 5.17
CA ALA A 50 20.76 -1.67 5.76
C ALA A 50 22.02 -1.40 4.92
ZN ZN B . -12.45 -1.89 -0.61
N MET A 1 -11.15 11.12 -15.31
CA MET A 1 -10.03 10.20 -15.61
C MET A 1 -9.60 9.48 -14.34
N VAL A 2 -8.61 8.61 -14.49
CA VAL A 2 -8.10 7.83 -13.38
C VAL A 2 -6.82 7.10 -13.79
N ASN A 3 -6.73 6.78 -15.07
CA ASN A 3 -5.51 6.27 -15.67
C ASN A 3 -5.23 4.86 -15.19
N LYS A 4 -4.34 4.75 -14.20
CA LYS A 4 -3.76 3.48 -13.82
C LYS A 4 -4.83 2.57 -13.22
N GLN A 5 -4.47 1.30 -13.08
CA GLN A 5 -5.43 0.26 -12.73
C GLN A 5 -5.05 -0.37 -11.39
N LYS A 6 -5.26 0.39 -10.32
CA LYS A 6 -5.08 -0.14 -8.97
C LYS A 6 -6.39 -0.09 -8.20
N VAL A 7 -6.87 -1.26 -7.81
CA VAL A 7 -8.23 -1.42 -7.32
C VAL A 7 -8.22 -1.88 -5.86
N CYS A 8 -9.42 -1.91 -5.27
CA CYS A 8 -9.68 -2.74 -4.10
C CYS A 8 -10.00 -4.18 -4.56
N PRO A 9 -9.13 -5.11 -4.12
CA PRO A 9 -9.38 -6.57 -4.25
C PRO A 9 -10.56 -7.06 -3.43
N ALA A 10 -11.07 -6.20 -2.56
CA ALA A 10 -12.05 -6.58 -1.57
C ALA A 10 -13.46 -6.25 -2.06
N CYS A 11 -13.79 -4.96 -2.03
CA CYS A 11 -15.17 -4.52 -2.18
C CYS A 11 -15.55 -4.40 -3.65
N GLU A 12 -14.56 -4.49 -4.52
CA GLU A 12 -14.66 -4.00 -5.89
C GLU A 12 -14.95 -2.49 -5.88
N SER A 13 -14.03 -1.75 -5.27
CA SER A 13 -13.91 -0.32 -5.51
C SER A 13 -12.77 -0.04 -6.50
N ALA A 14 -12.73 1.19 -6.99
CA ALA A 14 -11.63 1.65 -7.84
C ALA A 14 -10.74 2.65 -7.12
N GLU A 15 -11.17 3.05 -5.92
CA GLU A 15 -10.56 4.18 -5.24
C GLU A 15 -9.75 3.70 -4.03
N LEU A 16 -8.45 3.60 -4.23
CA LEU A 16 -7.51 3.41 -3.13
C LEU A 16 -6.77 4.71 -2.84
N ILE A 17 -5.96 4.67 -1.78
CA ILE A 17 -5.35 5.86 -1.23
C ILE A 17 -4.16 5.50 -0.35
N TYR A 18 -3.05 6.20 -0.56
CA TYR A 18 -1.78 5.84 0.05
C TYR A 18 -1.62 6.54 1.39
N ASP A 19 -1.16 5.77 2.37
CA ASP A 19 -1.01 6.27 3.74
C ASP A 19 0.49 6.49 4.05
N PRO A 20 0.94 7.73 3.82
CA PRO A 20 2.39 8.08 3.91
C PRO A 20 2.96 7.91 5.32
N GLU A 21 2.04 7.84 6.29
CA GLU A 21 2.43 7.77 7.69
C GLU A 21 3.09 6.42 7.98
N ARG A 22 2.48 5.36 7.46
CA ARG A 22 2.97 4.01 7.67
C ARG A 22 3.73 3.53 6.43
N GLY A 23 3.41 4.15 5.30
CA GLY A 23 3.86 3.67 4.00
C GLY A 23 2.87 2.65 3.45
N GLU A 24 1.58 2.95 3.62
CA GLU A 24 0.52 1.99 3.36
C GLU A 24 -0.19 2.34 2.06
N ILE A 25 -1.03 1.42 1.60
CA ILE A 25 -2.03 1.71 0.58
C ILE A 25 -3.35 1.05 0.94
N VAL A 26 -4.36 1.87 1.19
CA VAL A 26 -5.63 1.41 1.75
C VAL A 26 -6.76 1.64 0.74
N CYS A 27 -7.92 1.11 1.09
CA CYS A 27 -9.16 1.45 0.42
C CYS A 27 -9.66 2.82 0.89
N ALA A 28 -10.37 3.50 0.01
CA ALA A 28 -11.08 4.72 0.37
C ALA A 28 -12.53 4.40 0.73
N LYS A 29 -12.79 3.12 0.92
CA LYS A 29 -14.13 2.63 1.18
C LYS A 29 -14.16 1.73 2.41
N CYS A 30 -13.74 0.48 2.23
CA CYS A 30 -14.11 -0.60 3.14
C CYS A 30 -13.19 -0.64 4.35
N GLY A 31 -12.05 0.04 4.22
CA GLY A 31 -11.06 0.08 5.28
C GLY A 31 -9.80 -0.71 4.90
N TYR A 32 -9.93 -1.44 3.80
CA TYR A 32 -9.00 -2.51 3.45
C TYR A 32 -7.65 -1.92 3.05
N VAL A 33 -6.61 -2.28 3.81
CA VAL A 33 -5.24 -2.14 3.34
C VAL A 33 -4.94 -3.20 2.28
N ILE A 34 -3.96 -2.87 1.44
CA ILE A 34 -3.27 -3.86 0.62
C ILE A 34 -1.86 -4.07 1.14
N GLU A 35 -1.00 -3.09 0.87
CA GLU A 35 0.43 -3.25 1.08
C GLU A 35 0.88 -2.43 2.29
N GLU A 36 1.47 -3.13 3.24
CA GLU A 36 2.11 -2.48 4.38
C GLU A 36 3.60 -2.31 4.13
N ASN A 37 4.11 -1.13 4.48
CA ASN A 37 5.55 -0.89 4.53
C ASN A 37 6.15 -0.95 3.14
N ILE A 38 6.44 0.23 2.59
CA ILE A 38 7.24 0.34 1.38
C ILE A 38 8.55 1.08 1.67
N ILE A 39 9.21 0.65 2.75
CA ILE A 39 10.50 1.19 3.13
C ILE A 39 11.59 0.13 2.98
N ASP A 40 11.14 -1.11 2.80
CA ASP A 40 12.03 -2.23 2.52
C ASP A 40 12.84 -2.57 3.78
N MET A 41 14.00 -3.20 3.56
CA MET A 41 14.76 -3.81 4.64
C MET A 41 13.99 -4.97 5.25
N GLY A 42 13.40 -5.78 4.37
CA GLY A 42 12.75 -7.02 4.76
C GLY A 42 11.24 -6.94 4.45
N PRO A 43 10.89 -7.37 3.22
CA PRO A 43 9.54 -7.14 2.65
C PRO A 43 8.41 -7.68 3.53
N GLU A 44 8.06 -8.95 3.30
CA GLU A 44 6.86 -9.54 3.87
C GLU A 44 6.84 -11.05 3.60
N TRP A 45 5.63 -11.61 3.73
CA TRP A 45 5.43 -13.02 3.44
C TRP A 45 6.28 -13.89 4.37
N ARG A 46 6.77 -13.28 5.44
CA ARG A 46 7.30 -14.03 6.57
C ARG A 46 8.47 -14.90 6.14
N ALA A 47 9.68 -14.43 6.44
CA ALA A 47 10.88 -15.25 6.32
C ALA A 47 12.09 -14.49 6.84
N PHE A 48 13.14 -15.24 7.15
CA PHE A 48 14.47 -14.67 7.39
C PHE A 48 15.26 -14.64 6.09
N ASP A 49 14.94 -13.67 5.25
CA ASP A 49 15.54 -13.55 3.93
C ASP A 49 15.81 -12.09 3.58
N ALA A 50 17.09 -11.74 3.55
CA ALA A 50 17.50 -10.35 3.47
C ALA A 50 17.98 -10.01 2.06
ZN ZN B . -12.65 -1.64 -0.51
N MET A 1 -5.34 9.90 -17.34
CA MET A 1 -4.86 10.70 -16.20
C MET A 1 -4.60 9.80 -15.01
N VAL A 2 -5.65 9.10 -14.57
CA VAL A 2 -5.52 8.11 -13.51
C VAL A 2 -5.55 6.70 -14.10
N ASN A 3 -4.38 6.23 -14.50
CA ASN A 3 -4.19 4.83 -14.87
C ASN A 3 -3.39 4.10 -13.79
N LYS A 4 -3.92 2.96 -13.36
CA LYS A 4 -3.41 2.27 -12.19
C LYS A 4 -3.20 0.79 -12.49
N GLN A 5 -4.30 0.12 -12.82
CA GLN A 5 -4.32 -1.34 -12.90
C GLN A 5 -4.18 -1.95 -11.50
N LYS A 6 -4.46 -1.14 -10.50
CA LYS A 6 -4.61 -1.63 -9.13
C LYS A 6 -5.95 -1.17 -8.56
N VAL A 7 -6.48 -1.98 -7.65
CA VAL A 7 -7.88 -1.84 -7.21
C VAL A 7 -8.04 -2.39 -5.79
N CYS A 8 -9.29 -2.46 -5.37
CA CYS A 8 -9.68 -3.22 -4.19
C CYS A 8 -10.17 -4.63 -4.63
N PRO A 9 -9.37 -5.64 -4.23
CA PRO A 9 -9.78 -7.06 -4.28
C PRO A 9 -11.01 -7.39 -3.43
N ALA A 10 -11.26 -6.51 -2.47
CA ALA A 10 -12.28 -6.76 -1.44
C ALA A 10 -13.66 -6.39 -1.94
N CYS A 11 -13.86 -5.08 -2.16
CA CYS A 11 -15.20 -4.56 -2.40
C CYS A 11 -15.49 -4.45 -3.90
N GLU A 12 -14.45 -4.61 -4.70
CA GLU A 12 -14.46 -4.16 -6.09
C GLU A 12 -14.73 -2.66 -6.17
N SER A 13 -13.86 -1.89 -5.50
CA SER A 13 -13.71 -0.47 -5.78
C SER A 13 -12.28 -0.16 -6.20
N ALA A 14 -12.13 0.95 -6.92
CA ALA A 14 -10.84 1.30 -7.50
C ALA A 14 -10.22 2.51 -6.81
N GLU A 15 -10.95 3.02 -5.82
CA GLU A 15 -10.49 4.18 -5.05
C GLU A 15 -9.71 3.72 -3.82
N LEU A 16 -8.41 3.99 -3.86
CA LEU A 16 -7.54 3.73 -2.72
C LEU A 16 -6.89 5.02 -2.25
N ILE A 17 -6.18 4.92 -1.13
CA ILE A 17 -5.55 6.07 -0.50
C ILE A 17 -4.30 5.64 0.27
N TYR A 18 -3.19 6.30 -0.02
CA TYR A 18 -1.88 5.87 0.45
C TYR A 18 -1.49 6.66 1.70
N ASP A 19 -0.94 5.95 2.68
CA ASP A 19 -0.63 6.50 3.97
C ASP A 19 0.90 6.62 4.14
N PRO A 20 1.43 7.78 3.72
CA PRO A 20 2.89 7.99 3.59
C PRO A 20 3.64 7.85 4.91
N GLU A 21 2.89 7.88 6.00
CA GLU A 21 3.46 7.97 7.34
C GLU A 21 3.84 6.57 7.84
N ARG A 22 3.02 5.60 7.46
CA ARG A 22 3.30 4.20 7.73
C ARG A 22 3.85 3.53 6.46
N GLY A 23 3.51 4.11 5.32
CA GLY A 23 3.73 3.47 4.03
C GLY A 23 2.68 2.39 3.79
N GLU A 24 1.42 2.78 4.01
CA GLU A 24 0.31 1.84 3.89
C GLU A 24 -0.71 2.37 2.88
N ILE A 25 -1.01 1.53 1.89
CA ILE A 25 -2.13 1.77 0.99
C ILE A 25 -3.40 1.13 1.52
N VAL A 26 -4.50 1.87 1.39
CA VAL A 26 -5.78 1.43 1.94
C VAL A 26 -6.89 1.59 0.89
N CYS A 27 -8.08 1.16 1.29
CA CYS A 27 -9.29 1.42 0.52
C CYS A 27 -10.00 2.65 1.09
N ALA A 28 -10.50 3.49 0.18
CA ALA A 28 -11.40 4.58 0.52
C ALA A 28 -12.85 4.15 0.34
N LYS A 29 -13.08 2.84 0.40
CA LYS A 29 -14.43 2.30 0.42
C LYS A 29 -14.65 1.48 1.69
N CYS A 30 -13.94 0.36 1.79
CA CYS A 30 -14.24 -0.62 2.82
C CYS A 30 -13.34 -0.45 4.04
N GLY A 31 -12.26 0.30 3.84
CA GLY A 31 -11.30 0.55 4.91
C GLY A 31 -10.07 -0.33 4.77
N TYR A 32 -10.19 -1.31 3.87
CA TYR A 32 -9.22 -2.38 3.76
C TYR A 32 -7.87 -1.82 3.31
N VAL A 33 -6.81 -2.22 4.01
CA VAL A 33 -5.45 -2.05 3.53
C VAL A 33 -5.25 -2.82 2.23
N ILE A 34 -4.12 -2.53 1.58
CA ILE A 34 -3.71 -3.25 0.38
C ILE A 34 -2.38 -3.97 0.66
N GLU A 35 -1.31 -3.20 0.65
CA GLU A 35 -0.04 -3.65 1.22
C GLU A 35 0.62 -2.50 2.00
N GLU A 36 1.85 -2.73 2.40
CA GLU A 36 2.71 -1.67 2.93
C GLU A 36 4.16 -1.89 2.50
N ASN A 37 4.51 -1.34 1.34
CA ASN A 37 5.82 -1.56 0.74
C ASN A 37 5.99 -0.69 -0.49
N ILE A 38 6.59 0.48 -0.28
CA ILE A 38 7.10 1.29 -1.39
C ILE A 38 8.62 1.20 -1.44
N ILE A 39 9.12 0.79 -2.61
CA ILE A 39 10.50 0.44 -2.83
C ILE A 39 11.00 -0.58 -1.81
N ASP A 40 10.04 -1.30 -1.22
CA ASP A 40 10.33 -2.15 -0.06
C ASP A 40 10.05 -3.61 -0.40
N MET A 41 9.95 -4.42 0.65
CA MET A 41 9.73 -5.85 0.49
C MET A 41 8.24 -6.17 0.43
N GLY A 42 7.61 -6.15 1.60
CA GLY A 42 6.17 -6.36 1.71
C GLY A 42 5.80 -6.74 3.16
N PRO A 43 4.70 -7.51 3.28
CA PRO A 43 4.09 -7.81 4.60
C PRO A 43 5.05 -8.53 5.56
N GLU A 44 4.61 -8.63 6.81
CA GLU A 44 5.27 -9.49 7.78
C GLU A 44 4.51 -10.82 7.91
N TRP A 45 5.09 -11.73 8.69
CA TRP A 45 4.62 -13.11 8.73
C TRP A 45 4.84 -13.80 7.39
N ARG A 46 4.95 -15.13 7.46
CA ARG A 46 5.19 -15.93 6.27
C ARG A 46 6.51 -15.56 5.62
N ALA A 47 7.58 -16.08 6.20
CA ALA A 47 8.92 -15.82 5.69
C ALA A 47 9.95 -16.66 6.46
N PHE A 48 11.12 -16.82 5.87
CA PHE A 48 12.12 -17.75 6.35
C PHE A 48 13.36 -17.00 6.83
N ASP A 49 13.42 -15.72 6.46
CA ASP A 49 14.53 -14.85 6.84
C ASP A 49 14.17 -14.05 8.09
N ALA A 50 14.27 -14.70 9.24
CA ALA A 50 14.17 -14.02 10.52
C ALA A 50 14.50 -14.99 11.66
ZN ZN B . -12.59 -1.83 -0.67
N MET A 1 -4.83 -15.05 -7.51
CA MET A 1 -5.45 -14.91 -8.84
C MET A 1 -4.80 -13.76 -9.59
N VAL A 2 -4.82 -13.87 -10.92
CA VAL A 2 -4.31 -12.81 -11.78
C VAL A 2 -5.46 -12.21 -12.60
N ASN A 3 -5.84 -10.99 -12.22
CA ASN A 3 -6.74 -10.18 -13.03
C ASN A 3 -6.56 -8.70 -12.69
N LYS A 4 -6.38 -7.90 -13.74
CA LYS A 4 -6.29 -6.45 -13.61
C LYS A 4 -5.16 -6.06 -12.68
N GLN A 5 -5.10 -4.77 -12.37
CA GLN A 5 -4.10 -4.24 -11.46
C GLN A 5 -4.69 -3.09 -10.63
N LYS A 6 -4.38 -3.10 -9.34
CA LYS A 6 -4.63 -1.95 -8.47
C LYS A 6 -6.13 -1.71 -8.33
N VAL A 7 -6.77 -2.57 -7.53
CA VAL A 7 -8.14 -2.33 -7.11
C VAL A 7 -8.32 -2.76 -5.65
N CYS A 8 -9.59 -2.89 -5.27
CA CYS A 8 -9.97 -3.57 -4.05
C CYS A 8 -10.57 -4.95 -4.39
N PRO A 9 -9.85 -6.00 -3.92
CA PRO A 9 -10.36 -7.39 -3.91
C PRO A 9 -11.51 -7.61 -2.93
N ALA A 10 -11.67 -6.65 -2.03
CA ALA A 10 -12.66 -6.75 -0.96
C ALA A 10 -14.03 -6.31 -1.44
N CYS A 11 -14.20 -5.00 -1.61
CA CYS A 11 -15.54 -4.42 -1.74
C CYS A 11 -15.97 -4.34 -3.19
N GLU A 12 -15.03 -4.61 -4.10
CA GLU A 12 -15.14 -4.17 -5.49
C GLU A 12 -15.26 -2.64 -5.56
N SER A 13 -14.19 -1.98 -5.11
CA SER A 13 -13.98 -0.57 -5.41
C SER A 13 -12.53 -0.32 -5.79
N ALA A 14 -12.33 0.62 -6.72
CA ALA A 14 -11.04 0.76 -7.40
C ALA A 14 -10.20 1.87 -6.77
N GLU A 15 -10.87 2.72 -5.99
CA GLU A 15 -10.23 3.85 -5.34
C GLU A 15 -9.33 3.35 -4.21
N LEU A 16 -8.08 3.82 -4.23
CA LEU A 16 -7.15 3.57 -3.15
C LEU A 16 -6.32 4.82 -2.85
N ILE A 17 -5.55 4.76 -1.76
CA ILE A 17 -4.90 5.93 -1.22
C ILE A 17 -3.70 5.52 -0.36
N TYR A 18 -2.67 6.36 -0.40
CA TYR A 18 -1.42 6.07 0.28
C TYR A 18 -1.39 6.75 1.65
N ASP A 19 -0.66 6.13 2.57
CA ASP A 19 -0.65 6.56 3.96
C ASP A 19 0.81 6.63 4.48
N PRO A 20 1.37 7.85 4.44
CA PRO A 20 2.78 8.09 4.84
C PRO A 20 3.06 7.75 6.30
N GLU A 21 1.99 7.69 7.07
CA GLU A 21 2.10 7.41 8.50
C GLU A 21 2.60 5.98 8.73
N ARG A 22 1.98 5.05 8.01
CA ARG A 22 2.26 3.63 8.18
C ARG A 22 3.10 3.12 7.00
N GLY A 23 3.07 3.88 5.91
CA GLY A 23 3.58 3.40 4.63
C GLY A 23 2.53 2.54 3.93
N GLU A 24 1.26 2.81 4.25
CA GLU A 24 0.18 1.90 3.91
C GLU A 24 -0.70 2.54 2.84
N ILE A 25 -0.85 1.82 1.73
CA ILE A 25 -1.90 2.10 0.75
C ILE A 25 -3.16 1.31 1.11
N VAL A 26 -4.29 2.01 1.12
CA VAL A 26 -5.54 1.45 1.60
C VAL A 26 -6.62 1.59 0.52
N CYS A 27 -7.76 0.98 0.80
CA CYS A 27 -9.00 1.28 0.10
C CYS A 27 -9.51 2.66 0.49
N ALA A 28 -10.16 3.33 -0.46
CA ALA A 28 -10.87 4.56 -0.20
C ALA A 28 -12.35 4.29 0.08
N LYS A 29 -12.63 3.00 0.32
CA LYS A 29 -14.00 2.57 0.62
C LYS A 29 -14.05 1.86 1.97
N CYS A 30 -13.56 0.62 2.00
CA CYS A 30 -13.90 -0.30 3.07
C CYS A 30 -12.92 -0.23 4.22
N GLY A 31 -11.77 0.38 3.94
CA GLY A 31 -10.71 0.50 4.93
C GLY A 31 -9.54 -0.44 4.62
N TYR A 32 -9.81 -1.35 3.68
CA TYR A 32 -8.90 -2.44 3.39
C TYR A 32 -7.57 -1.89 2.87
N VAL A 33 -6.50 -2.30 3.55
CA VAL A 33 -5.15 -2.06 3.06
C VAL A 33 -4.95 -2.75 1.71
N ILE A 34 -4.22 -2.05 0.85
CA ILE A 34 -3.65 -2.65 -0.36
C ILE A 34 -2.26 -3.20 -0.06
N GLU A 35 -1.30 -2.28 0.04
CA GLU A 35 0.11 -2.65 0.07
C GLU A 35 0.76 -2.10 1.34
N GLU A 36 2.09 -2.17 1.38
CA GLU A 36 2.88 -1.45 2.37
C GLU A 36 4.24 -1.10 1.79
N ASN A 37 4.84 -0.05 2.34
CA ASN A 37 6.10 0.47 1.82
C ASN A 37 6.79 1.34 2.87
N ILE A 38 7.89 1.96 2.45
CA ILE A 38 8.71 2.77 3.33
C ILE A 38 9.23 1.95 4.50
N ILE A 39 10.11 2.56 5.29
CA ILE A 39 10.98 1.83 6.21
C ILE A 39 11.96 0.96 5.42
N ASP A 40 13.10 1.56 5.09
CA ASP A 40 13.98 1.02 4.05
C ASP A 40 13.34 1.22 2.69
N MET A 41 13.34 2.47 2.23
CA MET A 41 12.50 2.86 1.10
C MET A 41 12.87 2.08 -0.15
N GLY A 42 14.18 1.99 -0.39
CA GLY A 42 14.69 1.41 -1.62
C GLY A 42 16.00 0.65 -1.34
N PRO A 43 16.96 0.78 -2.27
CA PRO A 43 18.23 0.01 -2.24
C PRO A 43 18.98 0.14 -0.92
N GLU A 44 19.03 1.38 -0.41
CA GLU A 44 19.91 1.73 0.69
C GLU A 44 21.37 1.47 0.31
N TRP A 45 22.26 1.84 1.22
CA TRP A 45 23.69 1.87 0.94
C TRP A 45 24.31 0.50 1.21
N ARG A 46 24.31 -0.35 0.19
CA ARG A 46 25.06 -1.59 0.22
C ARG A 46 26.39 -1.42 -0.51
N ALA A 47 27.10 -2.53 -0.67
CA ALA A 47 28.28 -2.59 -1.52
C ALA A 47 27.86 -2.73 -2.98
N PHE A 48 27.76 -1.60 -3.67
CA PHE A 48 27.59 -1.57 -5.11
C PHE A 48 28.92 -1.26 -5.79
N ASP A 49 29.57 -0.21 -5.32
CA ASP A 49 30.94 0.09 -5.71
C ASP A 49 31.77 0.46 -4.49
N ALA A 50 31.19 1.30 -3.63
CA ALA A 50 31.92 1.91 -2.53
C ALA A 50 31.01 2.04 -1.31
ZN ZN B . -12.63 -1.78 -0.48
N MET A 1 -1.35 -12.43 -16.85
CA MET A 1 -0.10 -11.71 -16.56
C MET A 1 -0.27 -10.23 -16.87
N VAL A 2 -0.65 -9.47 -15.85
CA VAL A 2 -0.68 -8.02 -15.95
C VAL A 2 -0.93 -7.39 -14.58
N ASN A 3 0.16 -7.09 -13.89
CA ASN A 3 0.09 -6.52 -12.55
C ASN A 3 -0.56 -7.51 -11.59
N LYS A 4 -0.76 -7.06 -10.36
CA LYS A 4 -1.59 -7.76 -9.39
C LYS A 4 -2.94 -7.06 -9.25
N GLN A 5 -3.82 -7.32 -10.21
CA GLN A 5 -5.15 -6.74 -10.20
C GLN A 5 -5.07 -5.22 -10.27
N LYS A 6 -6.20 -4.58 -9.97
CA LYS A 6 -6.32 -3.13 -10.15
C LYS A 6 -7.60 -2.64 -9.48
N VAL A 7 -7.84 -3.16 -8.27
CA VAL A 7 -9.08 -2.89 -7.56
C VAL A 7 -8.88 -3.12 -6.05
N CYS A 8 -9.93 -2.86 -5.29
CA CYS A 8 -10.16 -3.51 -4.00
C CYS A 8 -10.75 -4.92 -4.26
N PRO A 9 -9.98 -5.93 -3.81
CA PRO A 9 -10.45 -7.33 -3.74
C PRO A 9 -11.55 -7.56 -2.70
N ALA A 10 -11.73 -6.56 -1.84
CA ALA A 10 -12.74 -6.63 -0.79
C ALA A 10 -14.08 -6.16 -1.32
N CYS A 11 -14.22 -4.84 -1.47
CA CYS A 11 -15.54 -4.25 -1.68
C CYS A 11 -15.89 -4.17 -3.15
N GLU A 12 -14.90 -4.41 -4.00
CA GLU A 12 -14.95 -4.07 -5.41
C GLU A 12 -15.17 -2.56 -5.58
N SER A 13 -14.31 -1.79 -4.91
CA SER A 13 -14.06 -0.40 -5.29
C SER A 13 -12.72 -0.29 -6.01
N ALA A 14 -12.65 0.66 -6.94
CA ALA A 14 -11.53 0.75 -7.87
C ALA A 14 -10.46 1.71 -7.37
N GLU A 15 -10.76 2.40 -6.28
CA GLU A 15 -9.93 3.52 -5.83
C GLU A 15 -9.17 3.13 -4.57
N LEU A 16 -7.95 3.66 -4.47
CA LEU A 16 -7.12 3.47 -3.29
C LEU A 16 -6.39 4.76 -2.94
N ILE A 17 -5.75 4.75 -1.78
CA ILE A 17 -5.17 5.96 -1.21
C ILE A 17 -4.11 5.60 -0.17
N TYR A 18 -3.07 6.42 -0.10
CA TYR A 18 -1.86 6.09 0.64
C TYR A 18 -1.89 6.73 2.02
N ASP A 19 -1.45 5.96 3.01
CA ASP A 19 -1.34 6.45 4.37
C ASP A 19 0.15 6.57 4.78
N PRO A 20 0.67 7.80 4.62
CA PRO A 20 2.12 8.08 4.85
C PRO A 20 2.59 7.74 6.26
N GLU A 21 1.63 7.55 7.15
CA GLU A 21 1.90 7.46 8.59
C GLU A 21 2.36 6.05 8.94
N ARG A 22 1.78 5.07 8.24
CA ARG A 22 2.25 3.70 8.30
C ARG A 22 3.22 3.41 7.15
N GLY A 23 3.02 4.15 6.05
CA GLY A 23 3.67 3.84 4.79
C GLY A 23 2.87 2.82 4.00
N GLU A 24 1.56 3.04 3.96
CA GLU A 24 0.62 2.04 3.46
C GLU A 24 -0.13 2.57 2.25
N ILE A 25 -0.68 1.66 1.46
CA ILE A 25 -1.73 1.99 0.50
C ILE A 25 -3.00 1.20 0.82
N VAL A 26 -4.12 1.91 0.83
CA VAL A 26 -5.37 1.38 1.38
C VAL A 26 -6.50 1.55 0.37
N CYS A 27 -7.62 0.91 0.66
CA CYS A 27 -8.90 1.24 0.03
C CYS A 27 -9.31 2.67 0.39
N ALA A 28 -10.01 3.31 -0.53
CA ALA A 28 -10.64 4.60 -0.27
C ALA A 28 -12.09 4.39 0.16
N LYS A 29 -12.41 3.15 0.49
CA LYS A 29 -13.77 2.78 0.87
C LYS A 29 -13.78 2.05 2.21
N CYS A 30 -13.34 0.80 2.20
CA CYS A 30 -13.60 -0.10 3.31
C CYS A 30 -12.54 0.02 4.40
N GLY A 31 -11.42 0.63 4.02
CA GLY A 31 -10.30 0.80 4.94
C GLY A 31 -9.18 -0.19 4.67
N TYR A 32 -9.52 -1.18 3.83
CA TYR A 32 -8.66 -2.33 3.60
C TYR A 32 -7.36 -1.90 2.91
N VAL A 33 -6.24 -2.33 3.47
CA VAL A 33 -4.94 -2.07 2.88
C VAL A 33 -4.85 -2.72 1.51
N ILE A 34 -3.81 -2.32 0.78
CA ILE A 34 -3.44 -2.97 -0.47
C ILE A 34 -2.00 -3.49 -0.37
N GLU A 35 -1.06 -2.58 -0.55
CA GLU A 35 0.35 -2.90 -0.35
C GLU A 35 0.85 -2.29 0.97
N GLU A 36 2.06 -2.68 1.35
CA GLU A 36 2.55 -2.43 2.70
C GLU A 36 3.90 -1.73 2.65
N ASN A 37 4.16 -0.90 3.65
CA ASN A 37 5.47 -0.32 3.84
C ASN A 37 5.87 0.54 2.65
N ILE A 38 7.03 1.17 2.76
CA ILE A 38 7.48 2.14 1.77
C ILE A 38 8.66 1.59 0.97
N ILE A 39 8.61 1.83 -0.34
CA ILE A 39 9.52 1.17 -1.27
C ILE A 39 10.19 2.20 -2.18
N ASP A 40 9.36 3.00 -2.85
CA ASP A 40 9.82 3.83 -3.95
C ASP A 40 9.87 5.30 -3.52
N MET A 41 8.69 5.84 -3.21
CA MET A 41 8.53 7.27 -3.03
C MET A 41 9.41 7.78 -1.90
N GLY A 42 9.68 9.08 -1.93
CA GLY A 42 10.33 9.75 -0.81
C GLY A 42 11.22 10.89 -1.35
N PRO A 43 12.46 10.51 -1.75
CA PRO A 43 13.53 11.50 -2.06
C PRO A 43 13.18 12.43 -3.22
N GLU A 44 13.55 13.69 -3.07
CA GLU A 44 13.57 14.64 -4.18
C GLU A 44 14.99 14.83 -4.68
N TRP A 45 15.20 14.46 -5.95
CA TRP A 45 16.55 14.29 -6.49
C TRP A 45 16.83 15.34 -7.55
N ARG A 46 16.44 16.58 -7.25
CA ARG A 46 16.80 17.73 -8.07
C ARG A 46 16.72 19.01 -7.23
N ALA A 47 16.87 20.14 -7.92
CA ALA A 47 17.13 21.42 -7.26
C ALA A 47 18.44 21.36 -6.49
N PHE A 48 19.53 21.44 -7.25
CA PHE A 48 20.87 21.36 -6.67
C PHE A 48 21.26 22.70 -6.08
N ASP A 49 21.10 23.75 -6.88
CA ASP A 49 21.22 25.12 -6.40
C ASP A 49 19.84 25.77 -6.29
N ALA A 50 19.72 26.70 -5.36
CA ALA A 50 18.48 27.43 -5.16
C ALA A 50 18.76 28.79 -4.51
ZN ZN B . -12.60 -1.72 -0.29
N MET A 1 -8.23 -14.18 -10.40
CA MET A 1 -9.28 -13.80 -11.36
C MET A 1 -8.64 -13.09 -12.54
N VAL A 2 -7.89 -12.03 -12.25
CA VAL A 2 -7.08 -11.35 -13.25
C VAL A 2 -7.95 -10.81 -14.39
N ASN A 3 -9.16 -10.39 -14.04
CA ASN A 3 -10.01 -9.66 -14.96
C ASN A 3 -9.98 -8.17 -14.63
N LYS A 4 -9.61 -7.86 -13.39
CA LYS A 4 -9.30 -6.50 -12.98
C LYS A 4 -7.78 -6.31 -12.89
N GLN A 5 -7.38 -5.08 -12.65
CA GLN A 5 -5.98 -4.69 -12.78
C GLN A 5 -5.45 -4.17 -11.45
N LYS A 6 -6.10 -3.13 -10.94
CA LYS A 6 -5.59 -2.38 -9.79
C LYS A 6 -6.75 -1.75 -9.02
N VAL A 7 -7.20 -2.45 -7.99
CA VAL A 7 -8.48 -2.17 -7.37
C VAL A 7 -8.47 -2.58 -5.90
N CYS A 8 -9.66 -2.57 -5.30
CA CYS A 8 -9.92 -3.29 -4.07
C CYS A 8 -10.50 -4.69 -4.41
N PRO A 9 -9.71 -5.72 -4.04
CA PRO A 9 -10.17 -7.13 -4.02
C PRO A 9 -11.32 -7.39 -3.05
N ALA A 10 -11.47 -6.47 -2.10
CA ALA A 10 -12.39 -6.66 -0.99
C ALA A 10 -13.80 -6.23 -1.38
N CYS A 11 -13.97 -4.93 -1.59
CA CYS A 11 -15.32 -4.38 -1.76
C CYS A 11 -15.71 -4.29 -3.22
N GLU A 12 -14.72 -4.49 -4.10
CA GLU A 12 -14.83 -4.09 -5.50
C GLU A 12 -15.07 -2.59 -5.61
N SER A 13 -14.18 -1.82 -4.98
CA SER A 13 -14.00 -0.41 -5.33
C SER A 13 -12.79 -0.25 -6.24
N ALA A 14 -12.42 1.01 -6.50
CA ALA A 14 -11.43 1.32 -7.51
C ALA A 14 -10.51 2.46 -7.05
N GLU A 15 -10.85 3.06 -5.94
CA GLU A 15 -10.30 4.36 -5.56
C GLU A 15 -9.40 4.22 -4.33
N LEU A 16 -8.47 3.29 -4.43
CA LEU A 16 -7.47 3.08 -3.39
C LEU A 16 -6.64 4.34 -3.19
N ILE A 17 -5.82 4.31 -2.14
CA ILE A 17 -5.16 5.52 -1.65
C ILE A 17 -3.95 5.15 -0.80
N TYR A 18 -3.25 6.18 -0.31
CA TYR A 18 -1.96 6.00 0.32
C TYR A 18 -1.92 6.76 1.66
N ASP A 19 -1.10 6.25 2.57
CA ASP A 19 -1.06 6.74 3.94
C ASP A 19 0.39 6.72 4.47
N PRO A 20 1.09 7.84 4.24
CA PRO A 20 2.55 7.94 4.50
C PRO A 20 2.93 7.65 5.96
N GLU A 21 1.91 7.67 6.82
CA GLU A 21 2.13 7.66 8.26
C GLU A 21 2.23 6.23 8.78
N ARG A 22 1.52 5.34 8.09
CA ARG A 22 1.63 3.91 8.34
C ARG A 22 2.59 3.27 7.34
N GLY A 23 2.81 3.98 6.23
CA GLY A 23 3.48 3.40 5.07
C GLY A 23 2.59 2.39 4.38
N GLU A 24 1.38 2.84 4.03
CA GLU A 24 0.32 1.93 3.60
C GLU A 24 -0.39 2.50 2.37
N ILE A 25 -0.80 1.59 1.49
CA ILE A 25 -1.77 1.93 0.44
C ILE A 25 -3.08 1.20 0.71
N VAL A 26 -4.11 2.01 1.02
CA VAL A 26 -5.35 1.49 1.58
C VAL A 26 -6.48 1.66 0.57
N CYS A 27 -7.62 1.04 0.88
CA CYS A 27 -8.88 1.35 0.22
C CYS A 27 -9.36 2.73 0.66
N ALA A 28 -10.16 3.34 -0.21
CA ALA A 28 -10.85 4.58 0.12
C ALA A 28 -12.33 4.32 0.40
N LYS A 29 -12.63 3.04 0.64
CA LYS A 29 -14.00 2.59 0.79
C LYS A 29 -14.16 1.79 2.08
N CYS A 30 -13.51 0.63 2.13
CA CYS A 30 -13.70 -0.30 3.24
C CYS A 30 -12.65 -0.10 4.32
N GLY A 31 -11.57 0.60 3.94
CA GLY A 31 -10.49 0.88 4.88
C GLY A 31 -9.32 -0.08 4.67
N TYR A 32 -9.57 -1.09 3.85
CA TYR A 32 -8.67 -2.24 3.73
C TYR A 32 -7.34 -1.80 3.12
N VAL A 33 -6.26 -2.19 3.77
CA VAL A 33 -4.92 -2.03 3.23
C VAL A 33 -4.77 -2.81 1.92
N ILE A 34 -3.69 -2.52 1.22
CA ILE A 34 -3.33 -3.24 0.00
C ILE A 34 -1.99 -3.93 0.19
N GLU A 35 -0.93 -3.14 0.13
CA GLU A 35 0.43 -3.66 0.09
C GLU A 35 1.41 -2.62 0.62
N GLU A 36 1.84 -2.83 1.86
CA GLU A 36 2.70 -1.85 2.54
C GLU A 36 4.08 -1.81 1.86
N ASN A 37 4.60 -0.60 1.73
CA ASN A 37 5.99 -0.40 1.34
C ASN A 37 6.36 1.08 1.42
N ILE A 38 7.34 1.39 2.26
CA ILE A 38 7.95 2.70 2.30
C ILE A 38 9.13 2.71 3.27
N ILE A 39 9.99 1.71 3.14
CA ILE A 39 11.27 1.70 3.83
C ILE A 39 12.39 2.05 2.86
N ASP A 40 12.42 1.35 1.73
CA ASP A 40 13.29 1.71 0.62
C ASP A 40 13.00 0.83 -0.59
N MET A 41 13.25 1.39 -1.77
CA MET A 41 12.98 0.70 -3.01
C MET A 41 13.93 -0.48 -3.17
N GLY A 42 13.46 -1.65 -2.72
CA GLY A 42 14.28 -2.85 -2.68
C GLY A 42 15.03 -2.92 -1.33
N PRO A 43 15.12 -4.15 -0.80
CA PRO A 43 15.88 -4.44 0.44
C PRO A 43 17.34 -3.99 0.38
N GLU A 44 17.87 -3.99 -0.84
CA GLU A 44 19.15 -3.37 -1.12
C GLU A 44 20.26 -3.99 -0.27
N TRP A 45 20.07 -5.27 0.05
CA TRP A 45 21.04 -6.02 0.82
C TRP A 45 20.62 -7.48 0.94
N ARG A 46 21.39 -8.34 0.28
CA ARG A 46 21.26 -9.79 0.48
C ARG A 46 22.44 -10.51 -0.16
N ALA A 47 22.52 -10.41 -1.49
CA ALA A 47 23.45 -11.20 -2.27
C ALA A 47 24.36 -10.31 -3.10
N PHE A 48 24.41 -9.04 -2.73
CA PHE A 48 25.42 -8.12 -3.25
C PHE A 48 25.27 -7.98 -4.76
N ASP A 49 26.26 -7.34 -5.37
CA ASP A 49 26.40 -7.33 -6.83
C ASP A 49 25.30 -6.49 -7.46
N ALA A 50 25.50 -6.15 -8.72
CA ALA A 50 24.66 -5.17 -9.40
C ALA A 50 23.55 -5.87 -10.19
ZN ZN B . -12.48 -1.73 -0.33
N MET A 1 -12.81 -11.61 -15.00
CA MET A 1 -14.21 -11.16 -14.87
C MET A 1 -14.31 -9.68 -15.18
N VAL A 2 -13.36 -8.91 -14.66
CA VAL A 2 -13.33 -7.48 -14.87
C VAL A 2 -11.89 -7.00 -15.03
N ASN A 3 -11.74 -5.70 -15.25
CA ASN A 3 -10.44 -5.04 -15.21
C ASN A 3 -9.83 -5.19 -13.82
N LYS A 4 -8.59 -4.75 -13.69
CA LYS A 4 -7.94 -4.60 -12.39
C LYS A 4 -7.10 -3.33 -12.35
N GLN A 5 -5.93 -3.40 -12.98
CA GLN A 5 -4.98 -2.30 -12.97
C GLN A 5 -4.54 -1.99 -11.54
N LYS A 6 -5.43 -1.37 -10.78
CA LYS A 6 -5.22 -1.17 -9.36
C LYS A 6 -6.54 -0.87 -8.67
N VAL A 7 -7.01 -1.83 -7.88
CA VAL A 7 -8.37 -1.84 -7.38
C VAL A 7 -8.39 -2.21 -5.89
N CYS A 8 -9.60 -2.30 -5.35
CA CYS A 8 -9.85 -3.05 -4.13
C CYS A 8 -10.21 -4.51 -4.49
N PRO A 9 -9.33 -5.42 -4.03
CA PRO A 9 -9.61 -6.89 -4.04
C PRO A 9 -10.83 -7.28 -3.20
N ALA A 10 -11.23 -6.37 -2.33
CA ALA A 10 -12.19 -6.67 -1.28
C ALA A 10 -13.61 -6.36 -1.75
N CYS A 11 -13.93 -5.07 -1.83
CA CYS A 11 -15.30 -4.63 -1.97
C CYS A 11 -15.74 -4.59 -3.43
N GLU A 12 -14.76 -4.76 -4.33
CA GLU A 12 -14.90 -4.36 -5.72
C GLU A 12 -15.15 -2.85 -5.80
N SER A 13 -14.18 -2.08 -5.31
CA SER A 13 -14.08 -0.66 -5.63
C SER A 13 -12.98 -0.42 -6.65
N ALA A 14 -12.60 0.85 -6.78
CA ALA A 14 -11.61 1.25 -7.77
C ALA A 14 -10.63 2.28 -7.22
N GLU A 15 -10.93 2.76 -6.01
CA GLU A 15 -10.25 3.94 -5.46
C GLU A 15 -9.44 3.54 -4.23
N LEU A 16 -8.20 4.02 -4.20
CA LEU A 16 -7.31 3.77 -3.07
C LEU A 16 -6.54 5.03 -2.71
N ILE A 17 -5.72 4.93 -1.68
CA ILE A 17 -5.07 6.08 -1.07
C ILE A 17 -3.86 5.66 -0.26
N TYR A 18 -2.79 6.44 -0.37
CA TYR A 18 -1.51 6.07 0.20
C TYR A 18 -1.24 6.88 1.47
N ASP A 19 -0.73 6.19 2.49
CA ASP A 19 -0.62 6.74 3.82
C ASP A 19 0.81 6.52 4.36
N PRO A 20 1.73 7.39 3.92
CA PRO A 20 3.18 7.22 4.20
C PRO A 20 3.53 7.20 5.68
N GLU A 21 2.59 7.70 6.49
CA GLU A 21 2.75 7.73 7.93
C GLU A 21 2.89 6.30 8.48
N ARG A 22 2.12 5.40 7.88
CA ARG A 22 2.27 3.97 8.13
C ARG A 22 3.03 3.30 6.99
N GLY A 23 2.95 3.92 5.82
CA GLY A 23 3.42 3.28 4.58
C GLY A 23 2.36 2.32 4.04
N GLU A 24 1.14 2.84 3.92
CA GLU A 24 -0.03 1.99 3.68
C GLU A 24 -0.83 2.53 2.50
N ILE A 25 -1.13 1.63 1.57
CA ILE A 25 -2.09 1.91 0.51
C ILE A 25 -3.42 1.23 0.80
N VAL A 26 -4.44 2.04 1.02
CA VAL A 26 -5.69 1.57 1.60
C VAL A 26 -6.85 1.79 0.63
N CYS A 27 -7.98 1.18 0.95
CA CYS A 27 -9.24 1.49 0.29
C CYS A 27 -9.81 2.80 0.83
N ALA A 28 -10.45 3.55 -0.06
CA ALA A 28 -11.22 4.72 0.33
C ALA A 28 -12.70 4.35 0.48
N LYS A 29 -12.94 3.06 0.67
CA LYS A 29 -14.29 2.56 0.91
C LYS A 29 -14.32 1.74 2.20
N CYS A 30 -13.80 0.53 2.13
CA CYS A 30 -14.13 -0.51 3.11
C CYS A 30 -13.19 -0.48 4.30
N GLY A 31 -12.06 0.22 4.13
CA GLY A 31 -11.08 0.33 5.18
C GLY A 31 -9.82 -0.46 4.86
N TYR A 32 -9.92 -1.26 3.79
CA TYR A 32 -8.97 -2.32 3.53
C TYR A 32 -7.65 -1.74 3.04
N VAL A 33 -6.56 -2.14 3.71
CA VAL A 33 -5.22 -1.97 3.19
C VAL A 33 -4.96 -3.03 2.10
N ILE A 34 -3.96 -2.72 1.28
CA ILE A 34 -3.33 -3.69 0.41
C ILE A 34 -1.87 -3.88 0.83
N GLU A 35 -1.05 -2.90 0.46
CA GLU A 35 0.41 -3.05 0.50
C GLU A 35 0.99 -2.17 1.60
N GLU A 36 2.26 -2.40 1.89
CA GLU A 36 2.90 -1.86 3.10
C GLU A 36 4.32 -1.42 2.80
N ASN A 37 4.74 -0.36 3.50
CA ASN A 37 6.15 0.03 3.51
C ASN A 37 6.62 0.37 2.10
N ILE A 38 6.63 1.67 1.79
CA ILE A 38 7.30 2.18 0.61
C ILE A 38 7.85 3.57 0.88
N ILE A 39 8.79 3.64 1.82
CA ILE A 39 9.35 4.90 2.28
C ILE A 39 10.69 5.17 1.60
N ASP A 40 11.73 4.53 2.12
CA ASP A 40 13.08 4.77 1.63
C ASP A 40 13.46 3.71 0.60
N MET A 41 12.47 3.32 -0.20
CA MET A 41 12.71 2.49 -1.37
C MET A 41 13.31 1.15 -0.96
N GLY A 42 12.43 0.21 -0.61
CA GLY A 42 12.82 -1.16 -0.34
C GLY A 42 13.22 -1.31 1.14
N PRO A 43 12.31 -0.86 2.03
CA PRO A 43 12.38 -1.17 3.49
C PRO A 43 12.37 -2.66 3.79
N GLU A 44 11.92 -2.98 5.01
CA GLU A 44 12.02 -4.34 5.54
C GLU A 44 13.47 -4.79 5.59
N TRP A 45 13.66 -6.05 5.95
CA TRP A 45 14.97 -6.57 6.32
C TRP A 45 15.61 -7.31 5.15
N ARG A 46 15.47 -6.72 3.97
CA ARG A 46 16.22 -7.15 2.79
C ARG A 46 17.36 -6.18 2.49
N ALA A 47 17.71 -5.39 3.50
CA ALA A 47 18.61 -4.27 3.31
C ALA A 47 20.04 -4.67 3.70
N PHE A 48 20.89 -3.66 3.86
CA PHE A 48 22.21 -3.86 4.42
C PHE A 48 22.69 -2.58 5.09
N ASP A 49 23.09 -1.61 4.26
CA ASP A 49 23.38 -0.27 4.73
C ASP A 49 24.56 -0.27 5.70
N ALA A 50 24.24 -0.45 6.98
CA ALA A 50 25.24 -0.70 8.00
C ALA A 50 24.99 -2.03 8.68
ZN ZN B . -12.71 -1.69 -0.53
N MET A 1 7.28 -10.05 -4.07
CA MET A 1 6.95 -10.25 -5.49
C MET A 1 5.44 -10.25 -5.67
N VAL A 2 5.02 -10.52 -6.90
CA VAL A 2 3.61 -10.61 -7.23
C VAL A 2 2.91 -9.26 -6.99
N ASN A 3 2.55 -9.04 -5.72
CA ASN A 3 1.90 -7.80 -5.32
C ASN A 3 0.59 -7.61 -6.07
N LYS A 4 -0.10 -6.53 -5.72
CA LYS A 4 -1.34 -6.17 -6.41
C LYS A 4 -1.32 -4.71 -6.82
N GLN A 5 -1.47 -3.83 -5.83
CA GLN A 5 -1.36 -2.40 -6.04
C GLN A 5 -2.44 -1.92 -7.01
N LYS A 6 -3.41 -2.80 -7.26
CA LYS A 6 -4.47 -2.52 -8.20
C LYS A 6 -5.83 -2.78 -7.56
N VAL A 7 -6.63 -1.70 -7.47
CA VAL A 7 -8.03 -1.83 -7.08
C VAL A 7 -8.17 -2.45 -5.70
N CYS A 8 -9.39 -2.88 -5.39
CA CYS A 8 -9.69 -3.53 -4.13
C CYS A 8 -10.18 -4.98 -4.39
N PRO A 9 -9.31 -5.94 -4.01
CA PRO A 9 -9.67 -7.38 -3.96
C PRO A 9 -10.75 -7.71 -2.93
N ALA A 10 -11.13 -6.68 -2.16
CA ALA A 10 -12.11 -6.85 -1.10
C ALA A 10 -13.50 -6.51 -1.61
N CYS A 11 -13.71 -5.23 -1.90
CA CYS A 11 -15.06 -4.70 -2.10
C CYS A 11 -15.43 -4.64 -3.58
N GLU A 12 -14.44 -4.83 -4.43
CA GLU A 12 -14.55 -4.50 -5.85
C GLU A 12 -14.83 -3.00 -6.02
N SER A 13 -13.94 -2.18 -5.47
CA SER A 13 -13.79 -0.80 -5.90
C SER A 13 -12.30 -0.42 -5.94
N ALA A 14 -12.01 0.65 -6.67
CA ALA A 14 -10.65 0.98 -7.05
C ALA A 14 -10.08 2.13 -6.21
N GLU A 15 -10.96 2.76 -5.46
CA GLU A 15 -10.64 4.02 -4.79
C GLU A 15 -9.75 3.76 -3.57
N LEU A 16 -8.48 4.10 -3.71
CA LEU A 16 -7.50 3.82 -2.68
C LEU A 16 -6.70 5.08 -2.35
N ILE A 17 -5.89 4.98 -1.30
CA ILE A 17 -5.24 6.14 -0.71
C ILE A 17 -4.04 5.72 0.11
N TYR A 18 -2.94 6.44 -0.07
CA TYR A 18 -1.65 6.02 0.48
C TYR A 18 -1.35 6.77 1.78
N ASP A 19 -0.62 6.10 2.66
CA ASP A 19 -0.47 6.54 4.04
C ASP A 19 1.03 6.63 4.40
N PRO A 20 1.57 7.86 4.28
CA PRO A 20 3.04 8.09 4.44
C PRO A 20 3.56 7.75 5.83
N GLU A 21 2.63 7.68 6.77
CA GLU A 21 2.97 7.40 8.16
C GLU A 21 3.42 5.95 8.32
N ARG A 22 2.68 5.07 7.67
CA ARG A 22 2.88 3.63 7.79
C ARG A 22 3.50 3.06 6.52
N GLY A 23 3.38 3.81 5.44
CA GLY A 23 3.68 3.31 4.10
C GLY A 23 2.57 2.38 3.63
N GLU A 24 1.34 2.82 3.83
CA GLU A 24 0.18 1.94 3.64
C GLU A 24 -0.74 2.52 2.57
N ILE A 25 -1.02 1.70 1.56
CA ILE A 25 -2.08 1.99 0.60
C ILE A 25 -3.37 1.30 1.04
N VAL A 26 -4.44 2.09 1.10
CA VAL A 26 -5.69 1.66 1.71
C VAL A 26 -6.86 1.90 0.77
N CYS A 27 -8.04 1.51 1.24
CA CYS A 27 -9.26 1.66 0.45
C CYS A 27 -10.13 2.76 1.06
N ALA A 28 -10.64 3.61 0.17
CA ALA A 28 -11.54 4.69 0.58
C ALA A 28 -13.00 4.27 0.41
N LYS A 29 -13.22 2.96 0.47
CA LYS A 29 -14.47 2.37 0.03
C LYS A 29 -14.92 1.28 0.98
N CYS A 30 -13.96 0.53 1.51
CA CYS A 30 -14.19 -0.34 2.66
C CYS A 30 -13.27 -0.01 3.82
N GLY A 31 -12.21 0.75 3.51
CA GLY A 31 -11.25 1.17 4.52
C GLY A 31 -10.02 0.27 4.52
N TYR A 32 -10.13 -0.84 3.77
CA TYR A 32 -9.17 -1.92 3.84
C TYR A 32 -7.83 -1.46 3.26
N VAL A 33 -6.75 -1.89 3.93
CA VAL A 33 -5.41 -1.77 3.38
C VAL A 33 -5.31 -2.56 2.08
N ILE A 34 -4.20 -2.32 1.38
CA ILE A 34 -3.90 -3.03 0.14
C ILE A 34 -2.56 -3.77 0.29
N GLU A 35 -1.48 -2.99 0.22
CA GLU A 35 -0.16 -3.49 0.58
C GLU A 35 0.62 -2.40 1.32
N GLU A 36 1.89 -2.67 1.54
CA GLU A 36 2.83 -1.66 2.03
C GLU A 36 4.26 -2.10 1.78
N ASN A 37 5.02 -1.22 1.12
CA ASN A 37 6.35 -1.55 0.64
C ASN A 37 7.31 -0.40 0.89
N ILE A 38 7.22 0.17 2.10
CA ILE A 38 8.21 1.11 2.59
C ILE A 38 8.44 0.90 4.08
N ILE A 39 9.58 0.30 4.40
CA ILE A 39 9.95 -0.03 5.76
C ILE A 39 8.88 -0.89 6.45
N ASP A 40 8.96 -2.19 6.21
CA ASP A 40 7.86 -3.09 6.56
C ASP A 40 8.38 -4.25 7.41
N MET A 41 9.67 -4.53 7.28
CA MET A 41 10.25 -5.76 7.80
C MET A 41 10.08 -5.82 9.32
N GLY A 42 11.04 -5.24 10.02
CA GLY A 42 11.16 -5.41 11.46
C GLY A 42 11.07 -4.04 12.16
N PRO A 43 10.31 -4.01 13.28
CA PRO A 43 10.28 -2.84 14.19
C PRO A 43 11.66 -2.50 14.77
N GLU A 44 11.64 -1.86 15.93
CA GLU A 44 12.84 -1.27 16.50
C GLU A 44 13.08 -1.82 17.90
N TRP A 45 12.90 -3.13 18.03
CA TRP A 45 13.29 -3.85 19.23
C TRP A 45 14.82 -3.91 19.34
N ARG A 46 15.45 -4.30 18.24
CA ARG A 46 16.91 -4.22 18.13
C ARG A 46 17.33 -2.84 17.65
N ALA A 47 17.51 -1.94 18.61
CA ALA A 47 17.67 -0.51 18.31
C ALA A 47 19.13 -0.23 17.93
N PHE A 48 19.96 -0.06 18.96
CA PHE A 48 21.30 0.47 18.77
C PHE A 48 22.27 -0.64 18.37
N ASP A 49 22.72 -1.39 19.38
CA ASP A 49 23.81 -2.34 19.21
C ASP A 49 23.50 -3.65 19.91
N ALA A 50 22.95 -4.59 19.15
CA ALA A 50 22.39 -5.81 19.72
C ALA A 50 22.66 -6.99 18.78
ZN ZN B . -12.40 -1.81 -0.59
N MET A 1 -9.59 -13.04 -11.81
CA MET A 1 -9.22 -13.41 -10.44
C MET A 1 -7.70 -13.49 -10.33
N VAL A 2 -7.24 -14.14 -9.26
CA VAL A 2 -5.82 -14.36 -9.06
C VAL A 2 -5.06 -13.04 -8.98
N ASN A 3 -5.73 -12.03 -8.43
CA ASN A 3 -5.06 -10.78 -8.08
C ASN A 3 -4.46 -10.13 -9.31
N LYS A 4 -5.19 -9.17 -9.87
CA LYS A 4 -4.67 -8.29 -10.90
C LYS A 4 -5.52 -7.02 -11.00
N GLN A 5 -4.98 -6.03 -11.69
CA GLN A 5 -5.56 -4.70 -11.71
C GLN A 5 -5.39 -4.02 -10.35
N LYS A 6 -4.96 -2.76 -10.40
CA LYS A 6 -4.79 -1.97 -9.19
C LYS A 6 -6.14 -1.54 -8.64
N VAL A 7 -6.66 -2.32 -7.69
CA VAL A 7 -8.04 -2.20 -7.25
C VAL A 7 -8.19 -2.73 -5.83
N CYS A 8 -9.45 -2.97 -5.46
CA CYS A 8 -9.78 -3.63 -4.20
C CYS A 8 -10.38 -5.02 -4.51
N PRO A 9 -9.58 -6.06 -4.14
CA PRO A 9 -10.05 -7.46 -4.13
C PRO A 9 -11.10 -7.75 -3.06
N ALA A 10 -11.28 -6.78 -2.16
CA ALA A 10 -12.28 -6.89 -1.11
C ALA A 10 -13.67 -6.51 -1.64
N CYS A 11 -13.85 -5.20 -1.83
CA CYS A 11 -15.19 -4.65 -2.02
C CYS A 11 -15.58 -4.58 -3.48
N GLU A 12 -14.60 -4.79 -4.35
CA GLU A 12 -14.68 -4.39 -5.75
C GLU A 12 -14.91 -2.88 -5.86
N SER A 13 -13.97 -2.13 -5.28
CA SER A 13 -13.80 -0.72 -5.62
C SER A 13 -12.37 -0.45 -6.06
N ALA A 14 -12.17 0.69 -6.72
CA ALA A 14 -10.90 1.01 -7.35
C ALA A 14 -10.15 2.11 -6.59
N GLU A 15 -10.82 2.69 -5.61
CA GLU A 15 -10.36 3.92 -4.98
C GLU A 15 -9.46 3.59 -3.78
N LEU A 16 -8.22 4.06 -3.86
CA LEU A 16 -7.23 3.76 -2.84
C LEU A 16 -6.40 5.01 -2.52
N ILE A 17 -5.78 5.00 -1.36
CA ILE A 17 -5.14 6.18 -0.81
C ILE A 17 -3.97 5.79 0.08
N TYR A 18 -2.94 6.63 0.08
CA TYR A 18 -1.66 6.30 0.68
C TYR A 18 -1.56 6.91 2.08
N ASP A 19 -1.11 6.07 3.02
CA ASP A 19 -0.79 6.52 4.36
C ASP A 19 0.73 6.47 4.59
N PRO A 20 1.40 7.59 4.26
CA PRO A 20 2.88 7.68 4.28
C PRO A 20 3.49 7.37 5.65
N GLU A 21 2.65 7.50 6.67
CA GLU A 21 3.09 7.30 8.05
C GLU A 21 3.58 5.86 8.24
N ARG A 22 2.75 4.91 7.80
CA ARG A 22 3.13 3.51 7.74
C ARG A 22 3.85 3.21 6.43
N GLY A 23 3.48 3.96 5.40
CA GLY A 23 3.85 3.63 4.02
C GLY A 23 2.77 2.78 3.37
N GLU A 24 1.54 2.96 3.83
CA GLU A 24 0.45 2.07 3.48
C GLU A 24 -0.29 2.58 2.25
N ILE A 25 -1.09 1.72 1.67
CA ILE A 25 -2.09 2.13 0.68
C ILE A 25 -3.41 1.39 0.93
N VAL A 26 -4.41 2.17 1.30
CA VAL A 26 -5.66 1.62 1.84
C VAL A 26 -6.80 1.84 0.84
N CYS A 27 -7.97 1.31 1.24
CA CYS A 27 -9.19 1.50 0.47
C CYS A 27 -10.01 2.63 1.07
N ALA A 28 -10.53 3.48 0.18
CA ALA A 28 -11.38 4.58 0.59
C ALA A 28 -12.85 4.20 0.46
N LYS A 29 -13.11 2.89 0.50
CA LYS A 29 -14.35 2.34 -0.03
C LYS A 29 -14.83 1.18 0.85
N CYS A 30 -13.87 0.56 1.53
CA CYS A 30 -14.16 -0.31 2.65
C CYS A 30 -13.25 -0.02 3.84
N GLY A 31 -12.14 0.68 3.54
CA GLY A 31 -11.19 1.04 4.58
C GLY A 31 -9.97 0.12 4.56
N TYR A 32 -10.11 -0.95 3.77
CA TYR A 32 -9.15 -2.05 3.81
C TYR A 32 -7.81 -1.61 3.20
N VAL A 33 -6.74 -2.05 3.85
CA VAL A 33 -5.40 -1.89 3.32
C VAL A 33 -5.27 -2.63 1.98
N ILE A 34 -4.17 -2.36 1.31
CA ILE A 34 -3.83 -3.03 0.06
C ILE A 34 -2.44 -3.67 0.18
N GLU A 35 -1.43 -2.81 0.13
CA GLU A 35 -0.07 -3.18 0.52
C GLU A 35 0.61 -2.01 1.22
N GLU A 36 1.75 -2.30 1.83
CA GLU A 36 2.38 -1.38 2.76
C GLU A 36 3.90 -1.55 2.72
N ASN A 37 4.56 -0.91 3.69
CA ASN A 37 5.99 -1.09 3.90
C ASN A 37 6.78 -0.44 2.77
N ILE A 38 6.95 0.87 2.88
CA ILE A 38 7.90 1.60 2.04
C ILE A 38 8.45 2.82 2.79
N ILE A 39 9.18 2.53 3.85
CA ILE A 39 9.70 3.57 4.72
C ILE A 39 11.17 3.86 4.39
N ASP A 40 11.36 4.63 3.33
CA ASP A 40 12.70 4.95 2.84
C ASP A 40 13.40 5.89 3.81
N MET A 41 13.76 5.35 4.97
CA MET A 41 14.39 6.13 6.01
C MET A 41 13.46 7.26 6.47
N GLY A 42 12.96 7.11 7.69
CA GLY A 42 11.91 7.98 8.21
C GLY A 42 11.26 7.33 9.45
N PRO A 43 11.80 7.70 10.63
CA PRO A 43 11.46 7.01 11.91
C PRO A 43 9.97 7.04 12.23
N GLU A 44 9.47 8.24 12.51
CA GLU A 44 8.17 8.43 13.11
C GLU A 44 8.10 7.73 14.47
N TRP A 45 9.28 7.47 15.03
CA TRP A 45 9.41 6.59 16.19
C TRP A 45 10.28 7.24 17.26
N ARG A 46 11.29 7.96 16.81
CA ARG A 46 12.35 8.44 17.70
C ARG A 46 12.21 9.94 17.92
N ALA A 47 13.27 10.52 18.51
CA ALA A 47 13.29 11.95 18.77
C ALA A 47 14.38 12.62 17.92
N PHE A 48 14.65 12.03 16.77
CA PHE A 48 15.79 12.42 15.95
C PHE A 48 17.09 11.99 16.61
N ASP A 49 17.46 12.72 17.66
CA ASP A 49 18.57 12.30 18.52
C ASP A 49 18.41 12.92 19.92
N ALA A 50 19.37 12.64 20.79
CA ALA A 50 19.48 13.31 22.07
C ALA A 50 20.56 14.38 22.01
ZN ZN B . -12.41 -1.88 -0.61
N MET A 1 -11.81 -7.91 -17.09
CA MET A 1 -12.20 -6.60 -17.66
C MET A 1 -11.08 -5.61 -17.49
N VAL A 2 -10.89 -4.76 -18.51
CA VAL A 2 -9.75 -3.87 -18.58
C VAL A 2 -10.20 -2.42 -18.40
N ASN A 3 -9.55 -1.74 -17.46
CA ASN A 3 -9.84 -0.34 -17.19
C ASN A 3 -8.58 0.37 -16.69
N LYS A 4 -8.27 0.17 -15.42
CA LYS A 4 -7.26 0.97 -14.74
C LYS A 4 -6.25 0.06 -14.04
N GLN A 5 -6.76 -1.02 -13.46
CA GLN A 5 -5.97 -1.86 -12.56
C GLN A 5 -5.69 -1.13 -11.26
N LYS A 6 -5.12 -1.87 -10.31
CA LYS A 6 -5.02 -1.40 -8.93
C LYS A 6 -6.41 -1.19 -8.34
N VAL A 7 -6.87 -2.17 -7.58
CA VAL A 7 -8.27 -2.26 -7.19
C VAL A 7 -8.39 -2.79 -5.77
N CYS A 8 -9.65 -2.96 -5.35
CA CYS A 8 -9.95 -3.60 -4.08
C CYS A 8 -10.60 -4.99 -4.33
N PRO A 9 -9.85 -6.03 -3.94
CA PRO A 9 -10.37 -7.42 -3.88
C PRO A 9 -11.47 -7.62 -2.84
N ALA A 10 -11.54 -6.65 -1.91
CA ALA A 10 -12.53 -6.69 -0.85
C ALA A 10 -13.90 -6.25 -1.37
N CYS A 11 -14.03 -4.96 -1.62
CA CYS A 11 -15.31 -4.36 -1.96
C CYS A 11 -15.57 -4.35 -3.46
N GLU A 12 -14.53 -4.70 -4.22
CA GLU A 12 -14.50 -4.50 -5.66
C GLU A 12 -14.73 -3.03 -6.01
N SER A 13 -13.97 -2.17 -5.36
CA SER A 13 -13.81 -0.79 -5.79
C SER A 13 -12.53 -0.63 -6.62
N ALA A 14 -12.16 0.62 -6.83
CA ALA A 14 -10.88 0.96 -7.44
C ALA A 14 -10.15 2.05 -6.66
N GLU A 15 -10.86 2.65 -5.71
CA GLU A 15 -10.41 3.87 -5.05
C GLU A 15 -9.53 3.51 -3.84
N LEU A 16 -8.26 3.92 -3.93
CA LEU A 16 -7.31 3.68 -2.86
C LEU A 16 -6.47 4.92 -2.61
N ILE A 17 -5.78 4.91 -1.49
CA ILE A 17 -5.06 6.09 -1.01
C ILE A 17 -3.84 5.68 -0.19
N TYR A 18 -2.71 6.33 -0.49
CA TYR A 18 -1.46 6.04 0.20
C TYR A 18 -1.41 6.75 1.55
N ASP A 19 -0.51 6.29 2.40
CA ASP A 19 -0.50 6.66 3.80
C ASP A 19 0.96 6.74 4.32
N PRO A 20 1.47 7.99 4.40
CA PRO A 20 2.80 8.27 4.97
C PRO A 20 2.92 7.89 6.44
N GLU A 21 1.76 7.74 7.08
CA GLU A 21 1.71 7.44 8.51
C GLU A 21 2.28 6.04 8.76
N ARG A 22 1.85 5.10 7.93
CA ARG A 22 2.23 3.70 8.10
C ARG A 22 3.18 3.27 6.97
N GLY A 23 3.15 4.04 5.88
CA GLY A 23 3.76 3.63 4.63
C GLY A 23 2.89 2.57 3.95
N GLU A 24 1.62 2.91 3.77
CA GLU A 24 0.61 1.92 3.40
C GLU A 24 -0.35 2.52 2.37
N ILE A 25 -0.80 1.66 1.45
CA ILE A 25 -1.89 2.00 0.55
C ILE A 25 -3.16 1.27 0.96
N VAL A 26 -4.27 2.00 0.98
CA VAL A 26 -5.50 1.52 1.59
C VAL A 26 -6.68 1.75 0.65
N CYS A 27 -7.85 1.30 1.13
CA CYS A 27 -9.10 1.53 0.42
C CYS A 27 -9.84 2.72 1.04
N ALA A 28 -10.41 3.53 0.15
CA ALA A 28 -11.19 4.69 0.56
C ALA A 28 -12.68 4.34 0.59
N LYS A 29 -12.96 3.05 0.80
CA LYS A 29 -14.27 2.50 0.50
C LYS A 29 -14.65 1.43 1.51
N CYS A 30 -13.64 0.68 1.96
CA CYS A 30 -13.80 -0.23 3.08
C CYS A 30 -12.77 0.02 4.16
N GLY A 31 -11.71 0.74 3.79
CA GLY A 31 -10.64 1.07 4.72
C GLY A 31 -9.49 0.07 4.64
N TYR A 32 -9.75 -1.03 3.91
CA TYR A 32 -8.81 -2.13 3.82
C TYR A 32 -7.52 -1.66 3.15
N VAL A 33 -6.41 -2.13 3.71
CA VAL A 33 -5.11 -1.95 3.09
C VAL A 33 -5.07 -2.62 1.71
N ILE A 34 -4.03 -2.30 0.97
CA ILE A 34 -3.76 -2.93 -0.31
C ILE A 34 -2.37 -3.58 -0.28
N GLU A 35 -1.35 -2.73 -0.39
CA GLU A 35 0.04 -3.17 -0.32
C GLU A 35 0.78 -2.38 0.75
N GLU A 36 1.79 -3.02 1.33
CA GLU A 36 2.41 -2.53 2.55
C GLU A 36 3.85 -2.07 2.25
N ASN A 37 4.42 -1.34 3.19
CA ASN A 37 5.85 -1.05 3.19
C ASN A 37 6.20 -0.09 2.05
N ILE A 38 6.77 1.04 2.41
CA ILE A 38 7.44 1.91 1.45
C ILE A 38 8.64 1.22 0.85
N ILE A 39 8.52 0.89 -0.44
CA ILE A 39 9.49 0.08 -1.15
C ILE A 39 9.65 -1.28 -0.47
N ASP A 40 10.30 -2.19 -1.19
CA ASP A 40 10.39 -3.59 -0.79
C ASP A 40 11.83 -4.06 -0.84
N MET A 41 12.28 -4.66 0.26
CA MET A 41 13.54 -5.38 0.29
C MET A 41 13.75 -6.02 1.66
N GLY A 42 14.06 -5.19 2.64
CA GLY A 42 14.18 -5.63 4.02
C GLY A 42 15.54 -5.16 4.60
N PRO A 43 15.67 -3.83 4.76
CA PRO A 43 16.95 -3.19 5.15
C PRO A 43 17.47 -3.66 6.50
N GLU A 44 18.63 -4.31 6.45
CA GLU A 44 19.37 -4.68 7.66
C GLU A 44 18.53 -5.58 8.55
N TRP A 45 17.66 -4.94 9.33
CA TRP A 45 16.86 -5.64 10.32
C TRP A 45 15.57 -4.87 10.60
N ARG A 46 14.50 -5.61 10.85
CA ARG A 46 13.26 -5.05 11.34
C ARG A 46 13.39 -4.70 12.83
N ALA A 47 12.51 -3.81 13.28
CA ALA A 47 12.66 -3.20 14.60
C ALA A 47 11.82 -3.97 15.62
N PHE A 48 12.43 -4.22 16.77
CA PHE A 48 11.72 -4.74 17.93
C PHE A 48 12.58 -4.60 19.19
N ASP A 49 13.51 -5.55 19.35
CA ASP A 49 14.54 -5.46 20.36
C ASP A 49 15.53 -6.60 20.22
N ALA A 50 16.79 -6.30 20.50
CA ALA A 50 17.82 -7.33 20.63
C ALA A 50 17.96 -8.11 19.33
ZN ZN B . -12.49 -1.76 -0.45
N MET A 1 -6.96 -3.56 -15.38
CA MET A 1 -7.31 -2.13 -15.41
C MET A 1 -6.08 -1.30 -15.74
N VAL A 2 -6.25 -0.40 -16.71
CA VAL A 2 -5.13 0.37 -17.23
C VAL A 2 -5.39 1.86 -17.08
N ASN A 3 -4.32 2.60 -16.82
CA ASN A 3 -4.37 4.06 -16.83
C ASN A 3 -5.31 4.57 -15.75
N LYS A 4 -5.49 3.75 -14.72
CA LYS A 4 -6.18 4.16 -13.51
C LYS A 4 -5.31 3.91 -12.29
N GLN A 5 -5.92 4.04 -11.11
CA GLN A 5 -5.18 4.09 -9.86
C GLN A 5 -4.78 2.68 -9.42
N LYS A 6 -5.70 2.03 -8.71
CA LYS A 6 -5.39 0.77 -8.03
C LYS A 6 -6.64 0.25 -7.32
N VAL A 7 -6.96 -1.02 -7.60
CA VAL A 7 -8.28 -1.55 -7.31
C VAL A 7 -8.30 -2.21 -5.93
N CYS A 8 -9.51 -2.59 -5.52
CA CYS A 8 -9.71 -3.31 -4.27
C CYS A 8 -10.21 -4.74 -4.59
N PRO A 9 -9.36 -5.73 -4.24
CA PRO A 9 -9.75 -7.16 -4.26
C PRO A 9 -10.87 -7.50 -3.28
N ALA A 10 -11.05 -6.63 -2.30
CA ALA A 10 -12.09 -6.79 -1.30
C ALA A 10 -13.46 -6.43 -1.88
N CYS A 11 -13.65 -5.13 -2.11
CA CYS A 11 -14.96 -4.62 -2.47
C CYS A 11 -15.14 -4.50 -3.98
N GLU A 12 -14.04 -4.68 -4.71
CA GLU A 12 -13.95 -4.37 -6.12
C GLU A 12 -14.32 -2.91 -6.39
N SER A 13 -13.71 -2.02 -5.60
CA SER A 13 -13.72 -0.61 -5.90
C SER A 13 -12.57 -0.25 -6.85
N ALA A 14 -12.34 1.05 -6.99
CA ALA A 14 -11.14 1.56 -7.62
C ALA A 14 -10.42 2.58 -6.74
N GLU A 15 -11.12 3.04 -5.71
CA GLU A 15 -10.69 4.16 -4.90
C GLU A 15 -9.85 3.67 -3.71
N LEU A 16 -8.56 3.95 -3.78
CA LEU A 16 -7.65 3.72 -2.67
C LEU A 16 -6.86 5.00 -2.36
N ILE A 17 -5.98 4.88 -1.38
CA ILE A 17 -5.30 6.05 -0.81
C ILE A 17 -4.03 5.62 -0.08
N TYR A 18 -3.02 6.49 -0.15
CA TYR A 18 -1.68 6.15 0.30
C TYR A 18 -1.34 6.88 1.59
N ASP A 19 -1.08 6.11 2.63
CA ASP A 19 -0.75 6.66 3.93
C ASP A 19 0.77 6.58 4.17
N PRO A 20 1.49 7.60 3.64
CA PRO A 20 2.97 7.59 3.62
C PRO A 20 3.59 7.53 5.02
N GLU A 21 2.78 7.89 6.02
CA GLU A 21 3.23 7.87 7.40
C GLU A 21 3.54 6.43 7.83
N ARG A 22 2.56 5.55 7.58
CA ARG A 22 2.72 4.13 7.84
C ARG A 22 3.53 3.47 6.72
N GLY A 23 3.39 4.03 5.53
CA GLY A 23 3.88 3.39 4.31
C GLY A 23 2.84 2.40 3.78
N GLU A 24 1.58 2.82 3.83
CA GLU A 24 0.46 1.92 3.57
C GLU A 24 -0.33 2.41 2.36
N ILE A 25 -1.09 1.49 1.76
CA ILE A 25 -2.14 1.85 0.82
C ILE A 25 -3.44 1.15 1.21
N VAL A 26 -4.52 1.92 1.23
CA VAL A 26 -5.78 1.48 1.84
C VAL A 26 -6.95 1.74 0.89
N CYS A 27 -8.12 1.34 1.36
CA CYS A 27 -9.36 1.53 0.60
C CYS A 27 -10.18 2.65 1.22
N ALA A 28 -10.51 3.64 0.38
CA ALA A 28 -11.34 4.75 0.79
C ALA A 28 -12.81 4.35 0.88
N LYS A 29 -13.09 3.11 0.53
CA LYS A 29 -14.42 2.53 0.74
C LYS A 29 -14.44 1.70 2.01
N CYS A 30 -13.88 0.48 1.93
CA CYS A 30 -14.15 -0.54 2.93
C CYS A 30 -13.26 -0.37 4.15
N GLY A 31 -12.18 0.39 3.97
CA GLY A 31 -11.24 0.65 5.05
C GLY A 31 -10.00 -0.24 4.95
N TYR A 32 -10.11 -1.22 4.05
CA TYR A 32 -9.14 -2.30 3.99
C TYR A 32 -7.79 -1.78 3.48
N VAL A 33 -6.72 -2.28 4.09
CA VAL A 33 -5.38 -2.13 3.53
C VAL A 33 -5.30 -2.80 2.17
N ILE A 34 -4.21 -2.50 1.47
CA ILE A 34 -3.85 -3.18 0.23
C ILE A 34 -2.52 -3.90 0.41
N GLU A 35 -1.45 -3.11 0.40
CA GLU A 35 -0.13 -3.58 0.83
C GLU A 35 0.59 -2.47 1.59
N GLU A 36 1.69 -2.86 2.23
CA GLU A 36 2.35 -1.99 3.21
C GLU A 36 3.83 -2.36 3.30
N ASN A 37 4.50 -1.72 4.25
CA ASN A 37 5.93 -1.95 4.48
C ASN A 37 6.74 -1.49 3.27
N ILE A 38 6.57 -0.23 2.91
CA ILE A 38 7.41 0.42 1.92
C ILE A 38 8.61 1.10 2.59
N ILE A 39 9.66 1.29 1.82
CA ILE A 39 10.93 1.74 2.35
C ILE A 39 11.53 0.67 3.28
N ASP A 40 12.68 0.14 2.85
CA ASP A 40 13.40 -0.85 3.63
C ASP A 40 14.76 -1.13 3.00
N MET A 41 15.73 -1.45 3.86
CA MET A 41 17.12 -1.53 3.46
C MET A 41 17.73 -2.86 3.88
N GLY A 42 18.36 -3.53 2.92
CA GLY A 42 19.16 -4.72 3.20
C GLY A 42 18.25 -5.84 3.73
N PRO A 43 17.14 -6.08 3.00
CA PRO A 43 16.24 -7.23 3.28
C PRO A 43 16.96 -8.58 3.24
N GLU A 44 17.69 -8.86 4.31
CA GLU A 44 18.23 -10.20 4.53
C GLU A 44 18.83 -10.30 5.94
N TRP A 45 18.51 -11.40 6.62
CA TRP A 45 18.77 -11.52 8.04
C TRP A 45 18.00 -10.45 8.82
N ARG A 46 16.76 -10.78 9.14
CA ARG A 46 15.80 -9.79 9.63
C ARG A 46 15.53 -9.97 11.11
N ALA A 47 14.66 -10.93 11.41
CA ALA A 47 14.06 -11.03 12.75
C ALA A 47 13.36 -12.38 12.91
N PHE A 48 12.47 -12.44 13.89
CA PHE A 48 11.88 -13.70 14.33
C PHE A 48 12.92 -14.51 15.11
N ASP A 49 13.91 -15.03 14.40
CA ASP A 49 15.03 -15.71 15.01
C ASP A 49 16.23 -15.73 14.07
N ALA A 50 17.25 -16.48 14.47
CA ALA A 50 18.49 -16.55 13.70
C ALA A 50 19.14 -15.17 13.61
ZN ZN B . -12.45 -1.94 -0.59
N MET A 1 5.43 -1.82 -4.39
CA MET A 1 4.76 -1.02 -5.43
C MET A 1 4.44 0.37 -4.89
N VAL A 2 4.80 1.38 -5.68
CA VAL A 2 4.71 2.77 -5.24
C VAL A 2 3.74 3.54 -6.14
N ASN A 3 2.60 3.91 -5.55
CA ASN A 3 1.61 4.73 -6.23
C ASN A 3 0.96 3.95 -7.36
N LYS A 4 0.50 4.68 -8.37
CA LYS A 4 -0.32 4.10 -9.43
C LYS A 4 -1.65 3.61 -8.87
N GLN A 5 -2.52 3.15 -9.76
CA GLN A 5 -3.93 2.99 -9.46
C GLN A 5 -4.13 1.75 -8.57
N LYS A 6 -4.12 0.60 -9.21
CA LYS A 6 -4.54 -0.65 -8.62
C LYS A 6 -5.96 -0.56 -8.05
N VAL A 7 -6.43 -1.68 -7.49
CA VAL A 7 -7.83 -1.85 -7.17
C VAL A 7 -7.99 -2.45 -5.77
N CYS A 8 -9.25 -2.76 -5.46
CA CYS A 8 -9.58 -3.46 -4.22
C CYS A 8 -10.09 -4.88 -4.57
N PRO A 9 -9.27 -5.88 -4.17
CA PRO A 9 -9.66 -7.30 -4.19
C PRO A 9 -10.83 -7.63 -3.27
N ALA A 10 -11.09 -6.71 -2.33
CA ALA A 10 -12.16 -6.89 -1.36
C ALA A 10 -13.50 -6.52 -1.97
N CYS A 11 -13.73 -5.23 -2.16
CA CYS A 11 -15.06 -4.72 -2.45
C CYS A 11 -15.33 -4.66 -3.95
N GLU A 12 -14.26 -4.84 -4.73
CA GLU A 12 -14.25 -4.48 -6.14
C GLU A 12 -14.52 -2.98 -6.29
N SER A 13 -13.68 -2.18 -5.63
CA SER A 13 -13.52 -0.78 -5.98
C SER A 13 -12.15 -0.54 -6.61
N ALA A 14 -11.78 0.74 -6.69
CA ALA A 14 -10.53 1.13 -7.31
C ALA A 14 -9.87 2.30 -6.57
N GLU A 15 -10.68 2.97 -5.76
CA GLU A 15 -10.23 4.14 -5.02
C GLU A 15 -9.48 3.70 -3.76
N LEU A 16 -8.23 4.16 -3.67
CA LEU A 16 -7.39 3.86 -2.52
C LEU A 16 -6.62 5.10 -2.08
N ILE A 17 -6.16 5.06 -0.83
CA ILE A 17 -5.63 6.25 -0.17
C ILE A 17 -4.35 5.92 0.57
N TYR A 18 -3.33 6.75 0.36
CA TYR A 18 -1.98 6.45 0.80
C TYR A 18 -1.76 6.94 2.24
N ASP A 19 -1.19 6.06 3.06
CA ASP A 19 -0.69 6.43 4.37
C ASP A 19 0.85 6.44 4.36
N PRO A 20 1.41 7.54 3.84
CA PRO A 20 2.87 7.63 3.53
C PRO A 20 3.76 7.39 4.74
N GLU A 21 3.17 7.57 5.92
CA GLU A 21 3.90 7.38 7.17
C GLU A 21 4.34 5.93 7.31
N ARG A 22 3.37 5.03 7.16
CA ARG A 22 3.63 3.61 7.25
C ARG A 22 4.05 3.04 5.89
N GLY A 23 3.73 3.80 4.85
CA GLY A 23 3.84 3.31 3.49
C GLY A 23 2.69 2.38 3.15
N GLU A 24 1.55 2.66 3.79
CA GLU A 24 0.34 1.87 3.56
C GLU A 24 -0.47 2.48 2.41
N ILE A 25 -1.37 1.68 1.87
CA ILE A 25 -2.39 2.17 0.95
C ILE A 25 -3.72 1.46 1.21
N VAL A 26 -4.71 2.23 1.63
CA VAL A 26 -5.97 1.68 2.11
C VAL A 26 -7.08 1.89 1.08
N CYS A 27 -8.25 1.38 1.42
CA CYS A 27 -9.43 1.54 0.58
C CYS A 27 -10.32 2.65 1.15
N ALA A 28 -10.61 3.63 0.30
CA ALA A 28 -11.51 4.72 0.66
C ALA A 28 -12.96 4.29 0.63
N LYS A 29 -13.20 3.06 0.21
CA LYS A 29 -14.53 2.45 0.33
C LYS A 29 -14.63 1.66 1.62
N CYS A 30 -14.06 0.46 1.62
CA CYS A 30 -14.41 -0.55 2.62
C CYS A 30 -13.60 -0.39 3.89
N GLY A 31 -12.50 0.36 3.77
CA GLY A 31 -11.62 0.62 4.90
C GLY A 31 -10.35 -0.24 4.82
N TYR A 32 -10.37 -1.18 3.88
CA TYR A 32 -9.37 -2.24 3.81
C TYR A 32 -8.04 -1.67 3.33
N VAL A 33 -6.98 -2.06 4.03
CA VAL A 33 -5.62 -1.87 3.54
C VAL A 33 -5.42 -2.63 2.23
N ILE A 34 -4.30 -2.31 1.58
CA ILE A 34 -3.88 -3.03 0.39
C ILE A 34 -2.51 -3.67 0.64
N GLU A 35 -1.48 -2.82 0.59
CA GLU A 35 -0.15 -3.21 1.05
C GLU A 35 0.44 -2.11 1.92
N GLU A 36 1.69 -2.32 2.36
CA GLU A 36 2.30 -1.49 3.37
C GLU A 36 3.80 -1.36 3.12
N ASN A 37 4.49 -0.76 4.08
CA ASN A 37 5.95 -0.78 4.12
C ASN A 37 6.52 0.09 3.01
N ILE A 38 7.17 1.18 3.42
CA ILE A 38 8.00 1.97 2.52
C ILE A 38 9.12 2.65 3.30
N ILE A 39 10.11 3.13 2.56
CA ILE A 39 11.27 3.78 3.13
C ILE A 39 12.01 2.82 4.07
N ASP A 40 13.18 3.26 4.53
CA ASP A 40 14.14 2.38 5.19
C ASP A 40 14.22 2.72 6.68
N MET A 41 15.24 3.49 7.03
CA MET A 41 15.66 3.64 8.42
C MET A 41 16.16 5.05 8.68
N GLY A 42 16.89 5.21 9.78
CA GLY A 42 17.52 6.48 10.12
C GLY A 42 19.03 6.40 9.86
N PRO A 43 19.72 5.57 10.66
CA PRO A 43 21.20 5.50 10.68
C PRO A 43 21.81 5.28 9.29
N GLU A 44 22.34 6.36 8.72
CA GLU A 44 23.15 6.28 7.52
C GLU A 44 24.63 6.31 7.89
N TRP A 45 24.91 6.91 9.04
CA TRP A 45 26.27 6.97 9.55
C TRP A 45 27.19 7.71 8.58
N ARG A 46 28.44 7.86 8.98
CA ARG A 46 29.34 8.83 8.36
C ARG A 46 29.65 8.44 6.93
N ALA A 47 29.71 7.13 6.68
CA ALA A 47 30.26 6.60 5.45
C ALA A 47 29.39 7.01 4.27
N PHE A 48 29.60 6.33 3.14
CA PHE A 48 29.04 6.76 1.86
C PHE A 48 29.75 8.01 1.37
N ASP A 49 29.41 9.14 1.97
CA ASP A 49 29.84 10.44 1.47
C ASP A 49 30.39 11.30 2.60
N ALA A 50 31.34 12.16 2.26
CA ALA A 50 31.81 13.20 3.16
C ALA A 50 31.35 14.57 2.68
ZN ZN B . -12.49 -1.90 -0.75
N MET A 1 5.58 -0.81 -8.98
CA MET A 1 5.36 -0.99 -7.54
C MET A 1 4.75 0.27 -6.94
N VAL A 2 4.95 1.38 -7.63
CA VAL A 2 4.28 2.63 -7.29
C VAL A 2 2.82 2.59 -7.74
N ASN A 3 1.94 3.04 -6.87
CA ASN A 3 0.51 2.87 -7.04
C ASN A 3 0.04 3.55 -8.32
N LYS A 4 -0.13 2.74 -9.36
CA LYS A 4 -0.70 3.22 -10.62
C LYS A 4 -1.97 2.44 -10.95
N GLN A 5 -3.08 2.87 -10.36
CA GLN A 5 -4.38 2.30 -10.68
C GLN A 5 -4.41 0.81 -10.33
N LYS A 6 -4.69 0.52 -9.06
CA LYS A 6 -5.04 -0.82 -8.63
C LYS A 6 -6.34 -0.80 -7.83
N VAL A 7 -7.01 -1.95 -7.78
CA VAL A 7 -8.39 -2.02 -7.34
C VAL A 7 -8.46 -2.61 -5.92
N CYS A 8 -9.71 -2.77 -5.46
CA CYS A 8 -9.99 -3.48 -4.22
C CYS A 8 -10.62 -4.85 -4.56
N PRO A 9 -9.85 -5.91 -4.24
CA PRO A 9 -10.36 -7.32 -4.28
C PRO A 9 -11.43 -7.60 -3.23
N ALA A 10 -11.55 -6.69 -2.28
CA ALA A 10 -12.55 -6.80 -1.22
C ALA A 10 -13.90 -6.33 -1.72
N CYS A 11 -14.05 -5.02 -1.84
CA CYS A 11 -15.37 -4.41 -2.01
C CYS A 11 -15.74 -4.28 -3.48
N GLU A 12 -14.75 -4.49 -4.34
CA GLU A 12 -14.82 -4.08 -5.74
C GLU A 12 -15.01 -2.56 -5.83
N SER A 13 -14.10 -1.84 -5.18
CA SER A 13 -13.89 -0.43 -5.43
C SER A 13 -12.85 -0.24 -6.55
N ALA A 14 -12.64 1.02 -6.92
CA ALA A 14 -11.49 1.41 -7.71
C ALA A 14 -10.58 2.38 -6.95
N GLU A 15 -11.05 2.83 -5.80
CA GLU A 15 -10.44 3.94 -5.10
C GLU A 15 -9.53 3.41 -3.98
N LEU A 16 -8.24 3.69 -4.13
CA LEU A 16 -7.26 3.42 -3.09
C LEU A 16 -6.36 4.63 -2.88
N ILE A 17 -5.61 4.60 -1.77
CA ILE A 17 -4.91 5.78 -1.28
C ILE A 17 -3.71 5.36 -0.44
N TYR A 18 -2.67 6.19 -0.47
CA TYR A 18 -1.39 5.85 0.12
C TYR A 18 -1.16 6.64 1.40
N ASP A 19 -0.93 5.92 2.49
CA ASP A 19 -0.88 6.51 3.82
C ASP A 19 0.59 6.69 4.25
N PRO A 20 1.10 7.93 4.08
CA PRO A 20 2.50 8.26 4.39
C PRO A 20 2.86 8.03 5.86
N GLU A 21 1.83 7.84 6.68
CA GLU A 21 1.98 7.83 8.13
C GLU A 21 2.34 6.42 8.60
N ARG A 22 1.84 5.44 7.85
CA ARG A 22 2.17 4.04 8.08
C ARG A 22 3.05 3.50 6.96
N GLY A 23 3.01 4.20 5.83
CA GLY A 23 3.59 3.69 4.59
C GLY A 23 2.70 2.58 4.01
N GLU A 24 1.42 2.89 3.90
CA GLU A 24 0.41 1.86 3.63
C GLU A 24 -0.58 2.38 2.57
N ILE A 25 -0.74 1.58 1.52
CA ILE A 25 -1.80 1.80 0.54
C ILE A 25 -3.06 1.05 0.97
N VAL A 26 -4.17 1.78 1.01
CA VAL A 26 -5.40 1.28 1.61
C VAL A 26 -6.58 1.50 0.66
N CYS A 27 -7.73 1.02 1.10
CA CYS A 27 -9.00 1.31 0.44
C CYS A 27 -9.66 2.53 1.09
N ALA A 28 -9.94 3.52 0.25
CA ALA A 28 -10.63 4.72 0.67
C ALA A 28 -12.13 4.47 0.85
N LYS A 29 -12.51 3.21 0.73
CA LYS A 29 -13.90 2.81 0.89
C LYS A 29 -14.07 1.95 2.14
N CYS A 30 -13.49 0.74 2.10
CA CYS A 30 -13.78 -0.25 3.12
C CYS A 30 -12.78 -0.17 4.27
N GLY A 31 -11.64 0.46 3.97
CA GLY A 31 -10.59 0.62 4.97
C GLY A 31 -9.46 -0.38 4.75
N TYR A 32 -9.74 -1.35 3.88
CA TYR A 32 -8.86 -2.50 3.71
C TYR A 32 -7.55 -2.07 3.06
N VAL A 33 -6.45 -2.44 3.71
CA VAL A 33 -5.13 -2.19 3.17
C VAL A 33 -4.94 -2.92 1.84
N ILE A 34 -3.85 -2.58 1.17
CA ILE A 34 -3.50 -3.21 -0.11
C ILE A 34 -2.09 -3.78 -0.01
N GLU A 35 -1.11 -2.88 -0.03
CA GLU A 35 0.26 -3.22 0.34
C GLU A 35 0.85 -2.15 1.25
N GLU A 36 1.81 -2.55 2.07
CA GLU A 36 2.25 -1.73 3.21
C GLU A 36 3.77 -1.67 3.25
N ASN A 37 4.28 -0.97 4.25
CA ASN A 37 5.70 -1.00 4.59
C ASN A 37 6.52 -0.28 3.53
N ILE A 38 6.66 1.03 3.73
CA ILE A 38 7.63 1.82 2.98
C ILE A 38 8.11 3.01 3.83
N ILE A 39 9.40 3.31 3.72
CA ILE A 39 9.95 4.53 4.27
C ILE A 39 11.20 4.94 3.50
N ASP A 40 11.29 4.45 2.26
CA ASP A 40 12.43 4.71 1.41
C ASP A 40 13.67 4.01 1.94
N MET A 41 14.83 4.52 1.56
CA MET A 41 16.10 3.84 1.79
C MET A 41 16.88 4.54 2.91
N GLY A 42 17.73 3.77 3.59
CA GLY A 42 18.65 4.30 4.57
C GLY A 42 19.95 3.48 4.56
N PRO A 43 20.05 2.55 5.53
CA PRO A 43 21.23 1.67 5.67
C PRO A 43 21.54 0.86 4.41
N GLU A 44 22.48 1.38 3.63
CA GLU A 44 22.97 0.67 2.44
C GLU A 44 24.19 1.38 1.88
N TRP A 45 25.06 1.83 2.78
CA TRP A 45 26.21 2.64 2.40
C TRP A 45 25.74 3.95 1.76
N ARG A 46 25.78 5.02 2.54
CA ARG A 46 25.13 6.27 2.17
C ARG A 46 25.80 6.86 0.94
N ALA A 47 27.10 7.09 1.04
CA ALA A 47 27.83 7.88 0.07
C ALA A 47 28.81 6.99 -0.71
N PHE A 48 28.89 7.24 -2.02
CA PHE A 48 29.95 6.67 -2.84
C PHE A 48 31.07 7.68 -3.05
N ASP A 49 30.67 8.89 -3.48
CA ASP A 49 31.62 9.96 -3.72
C ASP A 49 32.55 9.62 -4.88
N ALA A 50 33.58 8.83 -4.57
CA ALA A 50 34.67 8.59 -5.51
C ALA A 50 35.56 7.45 -5.01
ZN ZN B . -12.49 -1.86 -0.47
N MET A 1 2.96 -11.67 -11.06
CA MET A 1 3.69 -11.68 -9.78
C MET A 1 3.41 -10.40 -9.01
N VAL A 2 2.14 -10.23 -8.64
CA VAL A 2 1.75 -9.13 -7.77
C VAL A 2 2.07 -7.79 -8.41
N ASN A 3 1.65 -6.72 -7.74
CA ASN A 3 1.65 -5.39 -8.33
C ASN A 3 0.55 -5.27 -9.38
N LYS A 4 0.73 -5.99 -10.48
CA LYS A 4 -0.32 -6.17 -11.47
C LYS A 4 -1.53 -6.87 -10.84
N GLN A 5 -2.36 -6.07 -10.17
CA GLN A 5 -3.60 -6.57 -9.59
C GLN A 5 -4.51 -5.41 -9.21
N LYS A 6 -3.96 -4.50 -8.39
CA LYS A 6 -4.54 -3.17 -8.21
C LYS A 6 -5.92 -3.28 -7.58
N VAL A 7 -6.60 -2.14 -7.50
CA VAL A 7 -8.01 -2.11 -7.11
C VAL A 7 -8.20 -2.70 -5.72
N CYS A 8 -9.47 -2.96 -5.39
CA CYS A 8 -9.82 -3.61 -4.15
C CYS A 8 -10.44 -4.99 -4.45
N PRO A 9 -9.66 -6.04 -4.06
CA PRO A 9 -10.14 -7.44 -4.03
C PRO A 9 -11.21 -7.70 -2.98
N ALA A 10 -11.38 -6.72 -2.10
CA ALA A 10 -12.38 -6.82 -1.04
C ALA A 10 -13.75 -6.43 -1.57
N CYS A 11 -13.94 -5.13 -1.82
CA CYS A 11 -15.27 -4.58 -2.04
C CYS A 11 -15.63 -4.54 -3.51
N GLU A 12 -14.63 -4.77 -4.36
CA GLU A 12 -14.69 -4.40 -5.77
C GLU A 12 -14.91 -2.89 -5.91
N SER A 13 -13.98 -2.13 -5.33
CA SER A 13 -13.76 -0.74 -5.71
C SER A 13 -12.43 -0.57 -6.43
N ALA A 14 -12.05 0.68 -6.66
CA ALA A 14 -10.79 1.00 -7.30
C ALA A 14 -10.11 2.19 -6.64
N GLU A 15 -10.89 2.93 -5.85
CA GLU A 15 -10.37 4.08 -5.12
C GLU A 15 -9.53 3.61 -3.94
N LEU A 16 -8.27 4.01 -3.95
CA LEU A 16 -7.35 3.73 -2.84
C LEU A 16 -6.54 4.97 -2.50
N ILE A 17 -5.91 4.92 -1.32
CA ILE A 17 -5.29 6.10 -0.73
C ILE A 17 -4.09 5.70 0.12
N TYR A 18 -3.04 6.50 0.03
CA TYR A 18 -1.74 6.15 0.58
C TYR A 18 -1.52 6.86 1.91
N ASP A 19 -0.76 6.20 2.79
CA ASP A 19 -0.66 6.60 4.18
C ASP A 19 0.82 6.72 4.59
N PRO A 20 1.35 7.96 4.49
CA PRO A 20 2.80 8.22 4.69
C PRO A 20 3.32 7.80 6.06
N GLU A 21 2.39 7.68 7.00
CA GLU A 21 2.72 7.36 8.38
C GLU A 21 3.29 5.94 8.47
N ARG A 22 2.69 5.05 7.69
CA ARG A 22 3.11 3.66 7.66
C ARG A 22 3.80 3.34 6.33
N GLY A 23 3.49 4.15 5.32
CA GLY A 23 3.88 3.87 3.95
C GLY A 23 2.89 2.91 3.30
N GLU A 24 1.64 3.00 3.73
CA GLU A 24 0.63 2.02 3.35
C GLU A 24 -0.18 2.53 2.16
N ILE A 25 -0.90 1.61 1.53
CA ILE A 25 -1.99 1.97 0.62
C ILE A 25 -3.27 1.24 1.03
N VAL A 26 -4.38 1.98 1.02
CA VAL A 26 -5.61 1.51 1.63
C VAL A 26 -6.79 1.74 0.67
N CYS A 27 -7.96 1.30 1.14
CA CYS A 27 -9.20 1.51 0.40
C CYS A 27 -9.98 2.68 1.02
N ALA A 28 -10.51 3.52 0.13
CA ALA A 28 -11.34 4.63 0.53
C ALA A 28 -12.82 4.26 0.44
N LYS A 29 -13.09 2.97 0.63
CA LYS A 29 -14.38 2.40 0.27
C LYS A 29 -14.79 1.32 1.25
N CYS A 30 -13.79 0.58 1.74
CA CYS A 30 -13.99 -0.33 2.86
C CYS A 30 -13.00 -0.07 3.98
N GLY A 31 -11.94 0.68 3.64
CA GLY A 31 -10.91 1.02 4.61
C GLY A 31 -9.74 0.05 4.55
N TYR A 32 -9.95 -1.05 3.81
CA TYR A 32 -8.99 -2.13 3.76
C TYR A 32 -7.68 -1.65 3.16
N VAL A 33 -6.58 -2.09 3.77
CA VAL A 33 -5.25 -1.92 3.20
C VAL A 33 -5.17 -2.65 1.85
N ILE A 34 -4.10 -2.35 1.13
CA ILE A 34 -3.78 -3.03 -0.12
C ILE A 34 -2.40 -3.69 0.01
N GLU A 35 -1.38 -2.83 0.05
CA GLU A 35 -0.01 -3.26 0.24
C GLU A 35 0.66 -2.42 1.33
N GLU A 36 1.45 -3.10 2.16
CA GLU A 36 2.15 -2.45 3.26
C GLU A 36 3.21 -1.50 2.71
N ASN A 37 4.16 -1.16 3.58
CA ASN A 37 5.23 -0.24 3.22
C ASN A 37 6.06 -0.81 2.08
N ILE A 38 6.46 0.07 1.17
CA ILE A 38 7.03 -0.34 -0.11
C ILE A 38 8.54 -0.09 -0.13
N ILE A 39 9.29 -1.16 -0.34
CA ILE A 39 10.71 -1.07 -0.61
C ILE A 39 11.44 -0.42 0.57
N ASP A 40 11.81 -1.25 1.54
CA ASP A 40 12.46 -0.78 2.75
C ASP A 40 13.40 -1.85 3.30
N MET A 41 12.90 -2.60 4.27
CA MET A 41 13.73 -3.50 5.05
C MET A 41 14.76 -2.71 5.88
N GLY A 42 15.83 -2.30 5.20
CA GLY A 42 16.79 -1.39 5.78
C GLY A 42 18.22 -1.82 5.37
N PRO A 43 19.07 -0.81 5.13
CA PRO A 43 20.50 -1.03 4.75
C PRO A 43 21.27 -1.84 5.78
N GLU A 44 20.89 -1.65 7.05
CA GLU A 44 21.46 -2.40 8.16
C GLU A 44 22.97 -2.21 8.23
N TRP A 45 23.68 -2.93 7.36
CA TRP A 45 25.12 -3.11 7.49
C TRP A 45 25.43 -3.99 8.70
N ARG A 46 25.62 -3.32 9.83
CA ARG A 46 25.72 -4.00 11.12
C ARG A 46 26.96 -4.90 11.15
N ALA A 47 26.82 -6.08 10.56
CA ALA A 47 27.96 -6.94 10.29
C ALA A 47 27.54 -8.09 9.37
N PHE A 48 28.38 -9.12 9.34
CA PHE A 48 28.02 -10.38 8.70
C PHE A 48 27.28 -11.27 9.69
N ASP A 49 25.99 -11.48 9.42
CA ASP A 49 25.19 -12.44 10.15
C ASP A 49 24.83 -13.62 9.25
N ALA A 50 23.78 -13.41 8.45
CA ALA A 50 23.31 -14.43 7.52
C ALA A 50 23.57 -13.99 6.08
ZN ZN B . -12.51 -1.81 -0.60
N MET A 1 3.98 -8.87 -9.64
CA MET A 1 3.60 -9.40 -10.96
C MET A 1 2.40 -10.31 -10.83
N VAL A 2 2.52 -11.29 -9.94
CA VAL A 2 1.51 -12.33 -9.80
C VAL A 2 0.17 -11.71 -9.39
N ASN A 3 -0.91 -12.31 -9.91
CA ASN A 3 -2.23 -11.70 -9.80
C ASN A 3 -2.32 -10.47 -10.68
N LYS A 4 -1.44 -9.51 -10.41
CA LYS A 4 -1.42 -8.25 -11.14
C LYS A 4 -2.74 -7.50 -10.95
N GLN A 5 -2.70 -6.53 -10.04
CA GLN A 5 -3.91 -5.86 -9.59
C GLN A 5 -3.61 -4.40 -9.26
N LYS A 6 -4.62 -3.56 -9.44
CA LYS A 6 -4.54 -2.17 -8.99
C LYS A 6 -5.91 -1.70 -8.48
N VAL A 7 -6.51 -2.56 -7.65
CA VAL A 7 -7.88 -2.34 -7.21
C VAL A 7 -8.05 -2.85 -5.78
N CYS A 8 -9.32 -2.97 -5.38
CA CYS A 8 -9.69 -3.64 -4.16
C CYS A 8 -10.29 -5.03 -4.49
N PRO A 9 -9.50 -6.06 -4.08
CA PRO A 9 -9.96 -7.48 -4.10
C PRO A 9 -11.07 -7.77 -3.09
N ALA A 10 -11.29 -6.81 -2.18
CA ALA A 10 -12.35 -6.93 -1.20
C ALA A 10 -13.69 -6.53 -1.80
N CYS A 11 -13.88 -5.23 -1.99
CA CYS A 11 -15.22 -4.70 -2.24
C CYS A 11 -15.52 -4.63 -3.73
N GLU A 12 -14.48 -4.83 -4.54
CA GLU A 12 -14.49 -4.43 -5.95
C GLU A 12 -14.71 -2.93 -6.08
N SER A 13 -13.83 -2.17 -5.43
CA SER A 13 -13.63 -0.77 -5.77
C SER A 13 -12.22 -0.57 -6.32
N ALA A 14 -11.90 0.68 -6.63
CA ALA A 14 -10.71 1.01 -7.42
C ALA A 14 -9.90 2.13 -6.77
N GLU A 15 -10.56 2.83 -5.85
CA GLU A 15 -9.97 4.01 -5.21
C GLU A 15 -9.22 3.60 -3.95
N LEU A 16 -7.98 4.06 -3.87
CA LEU A 16 -7.13 3.77 -2.72
C LEU A 16 -6.37 5.03 -2.29
N ILE A 17 -6.02 5.07 -1.01
CA ILE A 17 -5.46 6.27 -0.40
C ILE A 17 -4.30 5.91 0.51
N TYR A 18 -3.18 6.60 0.31
CA TYR A 18 -1.91 6.20 0.89
C TYR A 18 -1.76 6.80 2.28
N ASP A 19 -1.23 5.99 3.20
CA ASP A 19 -0.83 6.46 4.51
C ASP A 19 0.70 6.55 4.59
N PRO A 20 1.23 7.72 4.17
CA PRO A 20 2.68 7.90 3.91
C PRO A 20 3.55 7.64 5.15
N GLU A 21 2.91 7.71 6.30
CA GLU A 21 3.59 7.61 7.58
C GLU A 21 3.96 6.15 7.87
N ARG A 22 2.97 5.28 7.66
CA ARG A 22 3.17 3.85 7.79
C ARG A 22 3.89 3.29 6.55
N GLY A 23 3.60 3.92 5.41
CA GLY A 23 4.01 3.39 4.12
C GLY A 23 2.96 2.43 3.57
N GLU A 24 1.70 2.74 3.87
CA GLU A 24 0.60 1.83 3.58
C GLU A 24 -0.31 2.42 2.50
N ILE A 25 -1.09 1.55 1.88
CA ILE A 25 -2.19 1.98 1.02
C ILE A 25 -3.47 1.25 1.40
N VAL A 26 -4.58 1.99 1.37
CA VAL A 26 -5.84 1.49 1.90
C VAL A 26 -6.98 1.73 0.90
N CYS A 27 -8.15 1.27 1.30
CA CYS A 27 -9.35 1.46 0.48
C CYS A 27 -10.18 2.62 1.01
N ALA A 28 -10.43 3.59 0.14
CA ALA A 28 -11.26 4.73 0.46
C ALA A 28 -12.74 4.37 0.43
N LYS A 29 -13.02 3.11 0.18
CA LYS A 29 -14.37 2.58 0.25
C LYS A 29 -14.58 1.80 1.54
N CYS A 30 -13.99 0.61 1.61
CA CYS A 30 -14.34 -0.34 2.66
C CYS A 30 -13.49 -0.15 3.90
N GLY A 31 -12.36 0.55 3.71
CA GLY A 31 -11.45 0.83 4.82
C GLY A 31 -10.23 -0.09 4.79
N TYR A 32 -10.35 -1.12 3.94
CA TYR A 32 -9.38 -2.21 3.92
C TYR A 32 -8.05 -1.70 3.34
N VAL A 33 -6.97 -2.15 3.98
CA VAL A 33 -5.63 -1.95 3.46
C VAL A 33 -5.49 -2.65 2.09
N ILE A 34 -4.39 -2.31 1.42
CA ILE A 34 -4.01 -2.99 0.18
C ILE A 34 -2.62 -3.60 0.35
N GLU A 35 -1.62 -2.73 0.41
CA GLU A 35 -0.24 -3.17 0.52
C GLU A 35 0.63 -2.02 1.05
N GLU A 36 1.87 -2.35 1.38
CA GLU A 36 2.72 -1.46 2.16
C GLU A 36 4.14 -1.47 1.60
N ASN A 37 4.38 -0.54 0.69
CA ASN A 37 5.63 -0.51 -0.08
C ASN A 37 5.70 0.75 -0.94
N ILE A 38 6.54 1.68 -0.50
CA ILE A 38 7.00 2.78 -1.35
C ILE A 38 8.51 2.76 -1.49
N ILE A 39 9.01 3.55 -2.43
CA ILE A 39 10.40 3.48 -2.86
C ILE A 39 11.24 4.54 -2.16
N ASP A 40 11.20 5.75 -2.69
CA ASP A 40 12.15 6.79 -2.33
C ASP A 40 11.90 7.25 -0.89
N MET A 41 12.36 6.44 0.05
CA MET A 41 12.42 6.83 1.45
C MET A 41 13.54 6.08 2.17
N GLY A 42 13.59 6.26 3.49
CA GLY A 42 14.65 5.71 4.30
C GLY A 42 14.71 6.46 5.65
N PRO A 43 15.22 7.71 5.59
CA PRO A 43 15.37 8.58 6.79
C PRO A 43 14.06 8.77 7.55
N GLU A 44 14.03 8.25 8.78
CA GLU A 44 12.79 8.14 9.54
C GLU A 44 13.01 8.66 10.96
N TRP A 45 12.11 8.25 11.85
CA TRP A 45 12.04 8.83 13.19
C TRP A 45 13.14 8.26 14.08
N ARG A 46 13.51 7.01 13.81
CA ARG A 46 14.40 6.27 14.68
C ARG A 46 15.76 6.96 14.77
N ALA A 47 15.96 7.91 13.85
CA ALA A 47 17.22 8.64 13.79
C ALA A 47 16.97 10.12 13.51
N PHE A 48 17.16 10.93 14.54
CA PHE A 48 17.18 12.38 14.39
C PHE A 48 18.57 12.91 14.66
N ASP A 49 19.31 12.21 15.52
CA ASP A 49 20.72 12.45 15.72
C ASP A 49 20.95 13.82 16.34
N ALA A 50 22.19 14.30 16.22
CA ALA A 50 22.62 15.49 16.95
C ALA A 50 22.53 15.25 18.46
ZN ZN B . -12.53 -1.95 -0.68
N MET A 1 3.98 -8.87 -9.64
CA MET A 1 3.60 -9.40 -10.96
C MET A 1 2.40 -10.31 -10.83
N VAL A 2 2.52 -11.29 -9.94
CA VAL A 2 1.51 -12.33 -9.80
C VAL A 2 0.17 -11.71 -9.39
N ASN A 3 -0.91 -12.31 -9.91
CA ASN A 3 -2.23 -11.70 -9.80
C ASN A 3 -2.32 -10.47 -10.68
N LYS A 4 -1.44 -9.51 -10.41
CA LYS A 4 -1.42 -8.25 -11.14
C LYS A 4 -2.74 -7.50 -10.95
N GLN A 5 -2.70 -6.53 -10.04
CA GLN A 5 -3.91 -5.86 -9.59
C GLN A 5 -3.61 -4.40 -9.26
N LYS A 6 -4.62 -3.56 -9.44
CA LYS A 6 -4.54 -2.17 -8.99
C LYS A 6 -5.91 -1.70 -8.48
N VAL A 7 -6.51 -2.56 -7.65
CA VAL A 7 -7.88 -2.34 -7.21
C VAL A 7 -8.05 -2.85 -5.78
N CYS A 8 -9.32 -2.97 -5.38
CA CYS A 8 -9.69 -3.64 -4.16
C CYS A 8 -10.29 -5.03 -4.49
N PRO A 9 -9.50 -6.06 -4.08
CA PRO A 9 -9.96 -7.48 -4.10
C PRO A 9 -11.07 -7.77 -3.09
N ALA A 10 -11.29 -6.81 -2.18
CA ALA A 10 -12.35 -6.93 -1.20
C ALA A 10 -13.69 -6.53 -1.80
N CYS A 11 -13.88 -5.23 -1.99
CA CYS A 11 -15.22 -4.70 -2.24
C CYS A 11 -15.52 -4.63 -3.73
N GLU A 12 -14.48 -4.83 -4.54
CA GLU A 12 -14.49 -4.43 -5.95
C GLU A 12 -14.71 -2.93 -6.08
N SER A 13 -13.83 -2.17 -5.43
CA SER A 13 -13.63 -0.77 -5.77
C SER A 13 -12.22 -0.57 -6.32
N ALA A 14 -11.90 0.68 -6.63
CA ALA A 14 -10.71 1.01 -7.42
C ALA A 14 -9.90 2.13 -6.77
N GLU A 15 -10.56 2.83 -5.85
CA GLU A 15 -9.97 4.01 -5.21
C GLU A 15 -9.22 3.60 -3.95
N LEU A 16 -7.98 4.06 -3.87
CA LEU A 16 -7.13 3.77 -2.72
C LEU A 16 -6.37 5.03 -2.29
N ILE A 17 -6.02 5.07 -1.01
CA ILE A 17 -5.46 6.27 -0.40
C ILE A 17 -4.30 5.91 0.51
N TYR A 18 -3.18 6.60 0.31
CA TYR A 18 -1.91 6.20 0.89
C TYR A 18 -1.76 6.80 2.28
N ASP A 19 -1.23 5.99 3.20
CA ASP A 19 -0.83 6.46 4.51
C ASP A 19 0.70 6.55 4.59
N PRO A 20 1.23 7.72 4.17
CA PRO A 20 2.68 7.90 3.91
C PRO A 20 3.55 7.64 5.15
N GLU A 21 2.91 7.71 6.30
CA GLU A 21 3.59 7.61 7.58
C GLU A 21 3.96 6.15 7.87
N ARG A 22 2.97 5.28 7.66
CA ARG A 22 3.17 3.85 7.79
C ARG A 22 3.89 3.29 6.55
N GLY A 23 3.60 3.92 5.41
CA GLY A 23 4.01 3.39 4.12
C GLY A 23 2.96 2.43 3.57
N GLU A 24 1.70 2.74 3.87
CA GLU A 24 0.60 1.83 3.58
C GLU A 24 -0.31 2.42 2.50
N ILE A 25 -1.09 1.55 1.88
CA ILE A 25 -2.19 1.98 1.02
C ILE A 25 -3.47 1.25 1.40
N VAL A 26 -4.58 1.99 1.37
CA VAL A 26 -5.84 1.49 1.90
C VAL A 26 -6.98 1.73 0.90
N CYS A 27 -8.15 1.27 1.30
CA CYS A 27 -9.35 1.46 0.48
C CYS A 27 -10.18 2.62 1.01
N ALA A 28 -10.43 3.59 0.14
CA ALA A 28 -11.26 4.73 0.46
C ALA A 28 -12.74 4.37 0.43
N LYS A 29 -13.02 3.11 0.18
CA LYS A 29 -14.37 2.58 0.25
C LYS A 29 -14.58 1.80 1.54
N CYS A 30 -13.99 0.61 1.61
CA CYS A 30 -14.34 -0.34 2.66
C CYS A 30 -13.49 -0.15 3.90
N GLY A 31 -12.36 0.55 3.71
CA GLY A 31 -11.45 0.83 4.82
C GLY A 31 -10.23 -0.09 4.79
N TYR A 32 -10.35 -1.12 3.94
CA TYR A 32 -9.38 -2.21 3.92
C TYR A 32 -8.05 -1.70 3.34
N VAL A 33 -6.97 -2.15 3.98
CA VAL A 33 -5.63 -1.95 3.46
C VAL A 33 -5.49 -2.65 2.09
N ILE A 34 -4.39 -2.31 1.42
CA ILE A 34 -4.01 -2.99 0.18
C ILE A 34 -2.62 -3.60 0.35
N GLU A 35 -1.62 -2.73 0.41
CA GLU A 35 -0.24 -3.17 0.52
C GLU A 35 0.63 -2.02 1.05
N GLU A 36 1.87 -2.35 1.38
CA GLU A 36 2.72 -1.46 2.16
C GLU A 36 4.14 -1.47 1.60
N ASN A 37 4.38 -0.54 0.69
CA ASN A 37 5.63 -0.51 -0.08
C ASN A 37 5.70 0.75 -0.94
N ILE A 38 6.54 1.68 -0.50
CA ILE A 38 7.00 2.78 -1.35
C ILE A 38 8.51 2.76 -1.49
N ILE A 39 9.01 3.55 -2.43
CA ILE A 39 10.40 3.48 -2.86
C ILE A 39 11.24 4.54 -2.16
N ASP A 40 11.20 5.75 -2.69
CA ASP A 40 12.15 6.79 -2.33
C ASP A 40 11.90 7.25 -0.89
N MET A 41 12.36 6.44 0.05
CA MET A 41 12.42 6.83 1.45
C MET A 41 13.54 6.08 2.17
N GLY A 42 13.59 6.26 3.49
CA GLY A 42 14.65 5.71 4.30
C GLY A 42 14.71 6.46 5.65
N PRO A 43 15.22 7.71 5.59
CA PRO A 43 15.37 8.58 6.79
C PRO A 43 14.06 8.77 7.55
N GLU A 44 14.03 8.25 8.78
CA GLU A 44 12.79 8.14 9.54
C GLU A 44 13.01 8.66 10.96
N TRP A 45 12.11 8.25 11.85
CA TRP A 45 12.04 8.83 13.19
C TRP A 45 13.14 8.26 14.08
N ARG A 46 13.51 7.01 13.81
CA ARG A 46 14.40 6.27 14.68
C ARG A 46 15.76 6.96 14.77
N ALA A 47 15.96 7.91 13.85
CA ALA A 47 17.22 8.64 13.79
C ALA A 47 16.97 10.12 13.51
N PHE A 48 17.16 10.93 14.54
CA PHE A 48 17.18 12.38 14.39
C PHE A 48 18.57 12.91 14.66
N ASP A 49 19.31 12.21 15.52
CA ASP A 49 20.72 12.45 15.72
C ASP A 49 20.95 13.82 16.34
N ALA A 50 22.19 14.30 16.22
CA ALA A 50 22.62 15.49 16.95
C ALA A 50 22.53 15.25 18.46
ZN ZN B . -12.53 -1.95 -0.68
N MET A 1 9.44 -5.70 -11.77
CA MET A 1 8.22 -5.73 -12.60
C MET A 1 7.12 -4.94 -11.92
N VAL A 2 7.32 -4.67 -10.63
CA VAL A 2 6.37 -3.89 -9.85
C VAL A 2 5.06 -4.65 -9.69
N ASN A 3 4.19 -4.50 -10.68
CA ASN A 3 2.83 -5.00 -10.58
C ASN A 3 2.09 -4.30 -9.44
N LYS A 4 1.29 -3.30 -9.81
CA LYS A 4 0.71 -2.38 -8.84
C LYS A 4 -0.59 -1.78 -9.37
N GLN A 5 -1.29 -2.59 -10.16
CA GLN A 5 -2.61 -2.23 -10.67
C GLN A 5 -3.70 -2.82 -9.77
N LYS A 6 -3.39 -2.90 -8.48
CA LYS A 6 -4.24 -3.64 -7.55
C LYS A 6 -5.41 -2.77 -7.09
N VAL A 7 -6.59 -3.09 -7.62
CA VAL A 7 -7.85 -2.59 -7.09
C VAL A 7 -8.02 -3.01 -5.62
N CYS A 8 -9.26 -2.94 -5.17
CA CYS A 8 -9.70 -3.63 -3.97
C CYS A 8 -10.34 -4.98 -4.36
N PRO A 9 -9.62 -6.07 -3.99
CA PRO A 9 -10.15 -7.44 -4.07
C PRO A 9 -11.25 -7.75 -3.04
N ALA A 10 -11.44 -6.80 -2.13
CA ALA A 10 -12.52 -6.89 -1.15
C ALA A 10 -13.84 -6.44 -1.76
N CYS A 11 -13.97 -5.12 -1.93
CA CYS A 11 -15.28 -4.53 -2.21
C CYS A 11 -15.53 -4.41 -3.70
N GLU A 12 -14.48 -4.62 -4.49
CA GLU A 12 -14.44 -4.19 -5.88
C GLU A 12 -14.62 -2.67 -5.97
N SER A 13 -13.73 -1.95 -5.29
CA SER A 13 -13.47 -0.55 -5.58
C SER A 13 -12.05 -0.36 -6.11
N ALA A 14 -11.77 0.86 -6.55
CA ALA A 14 -10.51 1.15 -7.22
C ALA A 14 -9.81 2.36 -6.61
N GLU A 15 -10.51 3.05 -5.71
CA GLU A 15 -10.15 4.41 -5.33
C GLU A 15 -9.33 4.38 -4.03
N LEU A 16 -8.28 3.57 -4.06
CA LEU A 16 -7.43 3.39 -2.89
C LEU A 16 -6.63 4.67 -2.62
N ILE A 17 -5.88 4.64 -1.52
CA ILE A 17 -5.27 5.85 -0.98
C ILE A 17 -4.07 5.49 -0.10
N TYR A 18 -3.12 6.42 -0.01
CA TYR A 18 -1.83 6.15 0.59
C TYR A 18 -1.74 6.82 1.97
N ASP A 19 -1.29 6.05 2.95
CA ASP A 19 -1.04 6.57 4.28
C ASP A 19 0.47 6.70 4.53
N PRO A 20 1.01 7.89 4.22
CA PRO A 20 2.48 8.12 4.15
C PRO A 20 3.20 7.81 5.47
N GLU A 21 2.42 7.67 6.52
CA GLU A 21 2.97 7.57 7.87
C GLU A 21 3.47 6.15 8.15
N ARG A 22 2.62 5.19 7.80
CA ARG A 22 3.03 3.79 7.79
C ARG A 22 3.59 3.40 6.42
N GLY A 23 3.16 4.15 5.41
CA GLY A 23 3.56 3.89 4.04
C GLY A 23 2.54 2.98 3.36
N GLU A 24 1.36 2.89 3.97
CA GLU A 24 0.35 1.93 3.56
C GLU A 24 -0.41 2.46 2.33
N ILE A 25 -1.11 1.55 1.67
CA ILE A 25 -2.12 1.92 0.68
C ILE A 25 -3.42 1.18 0.96
N VAL A 26 -4.44 1.94 1.34
CA VAL A 26 -5.68 1.39 1.87
C VAL A 26 -6.84 1.67 0.91
N CYS A 27 -8.00 1.16 1.28
CA CYS A 27 -9.22 1.37 0.51
C CYS A 27 -9.94 2.62 1.01
N ALA A 28 -10.21 3.52 0.06
CA ALA A 28 -10.97 4.72 0.34
C ALA A 28 -12.46 4.44 0.47
N LYS A 29 -12.80 3.16 0.45
CA LYS A 29 -14.17 2.71 0.60
C LYS A 29 -14.34 1.92 1.90
N CYS A 30 -13.72 0.74 1.94
CA CYS A 30 -14.02 -0.22 2.98
C CYS A 30 -13.06 -0.07 4.16
N GLY A 31 -11.92 0.56 3.87
CA GLY A 31 -10.90 0.77 4.89
C GLY A 31 -9.77 -0.25 4.79
N TYR A 32 -10.02 -1.27 3.97
CA TYR A 32 -9.12 -2.41 3.86
C TYR A 32 -7.81 -1.99 3.20
N VAL A 33 -6.71 -2.39 3.82
CA VAL A 33 -5.39 -2.16 3.25
C VAL A 33 -5.26 -2.90 1.91
N ILE A 34 -4.15 -2.59 1.23
CA ILE A 34 -3.87 -3.19 -0.07
C ILE A 34 -2.46 -3.78 -0.05
N GLU A 35 -1.49 -2.89 -0.09
CA GLU A 35 -0.09 -3.26 0.18
C GLU A 35 0.50 -2.34 1.25
N GLU A 36 1.71 -2.66 1.66
CA GLU A 36 2.30 -2.05 2.86
C GLU A 36 3.69 -1.53 2.55
N ASN A 37 3.80 -0.20 2.49
CA ASN A 37 5.10 0.45 2.38
C ASN A 37 5.81 0.03 1.09
N ILE A 38 6.97 0.63 0.86
CA ILE A 38 7.68 0.49 -0.41
C ILE A 38 9.19 0.51 -0.18
N ILE A 39 9.75 -0.69 -0.02
CA ILE A 39 11.11 -0.85 0.44
C ILE A 39 11.23 -0.37 1.89
N ASP A 40 12.04 -1.09 2.67
CA ASP A 40 12.06 -0.94 4.11
C ASP A 40 13.49 -0.75 4.61
N MET A 41 14.45 -1.10 3.76
CA MET A 41 15.84 -1.22 4.18
C MET A 41 16.60 0.08 3.88
N GLY A 42 15.91 1.20 4.09
CA GLY A 42 16.54 2.51 4.10
C GLY A 42 17.06 2.84 2.68
N PRO A 43 16.25 3.64 1.95
CA PRO A 43 16.67 4.24 0.66
C PRO A 43 17.91 5.11 0.78
N GLU A 44 18.55 5.36 -0.37
CA GLU A 44 19.58 6.37 -0.47
C GLU A 44 19.74 6.82 -1.92
N TRP A 45 19.24 8.02 -2.20
CA TRP A 45 19.05 8.47 -3.57
C TRP A 45 20.19 9.41 -3.99
N ARG A 46 21.16 8.84 -4.70
CA ARG A 46 22.18 9.61 -5.39
C ARG A 46 23.06 10.35 -4.39
N ALA A 47 22.56 11.47 -3.89
CA ALA A 47 23.38 12.44 -3.17
C ALA A 47 22.50 13.49 -2.52
N PHE A 48 23.11 14.61 -2.16
CA PHE A 48 22.39 15.78 -1.69
C PHE A 48 21.85 15.54 -0.29
N ASP A 49 21.00 14.53 -0.17
CA ASP A 49 20.22 14.30 1.05
C ASP A 49 19.18 15.39 1.23
N ALA A 50 18.07 15.24 0.50
CA ALA A 50 16.88 16.06 0.71
C ALA A 50 15.66 15.17 0.87
ZN ZN B . -12.53 -1.95 -0.49
N MET A 1 4.35 -8.53 -11.86
CA MET A 1 5.49 -8.62 -10.91
C MET A 1 5.57 -7.35 -10.09
N VAL A 2 5.32 -6.22 -10.74
CA VAL A 2 5.57 -4.91 -10.14
C VAL A 2 4.28 -4.10 -10.09
N ASN A 3 3.46 -4.39 -9.08
CA ASN A 3 2.31 -3.56 -8.76
C ASN A 3 1.31 -3.57 -9.90
N LYS A 4 1.55 -2.69 -10.87
CA LYS A 4 0.66 -2.57 -12.02
C LYS A 4 -0.71 -2.06 -11.58
N GLN A 5 -0.77 -1.53 -10.37
CA GLN A 5 -1.93 -0.76 -9.92
C GLN A 5 -3.18 -1.62 -9.94
N LYS A 6 -3.61 -2.03 -8.75
CA LYS A 6 -4.68 -3.01 -8.63
C LYS A 6 -5.90 -2.38 -7.94
N VAL A 7 -6.96 -3.17 -7.82
CA VAL A 7 -8.23 -2.71 -7.30
C VAL A 7 -8.34 -3.08 -5.81
N CYS A 8 -9.60 -3.07 -5.34
CA CYS A 8 -9.96 -3.71 -4.09
C CYS A 8 -10.67 -5.05 -4.39
N PRO A 9 -9.95 -6.14 -4.03
CA PRO A 9 -10.53 -7.51 -4.02
C PRO A 9 -11.58 -7.73 -2.93
N ALA A 10 -11.67 -6.76 -2.02
CA ALA A 10 -12.67 -6.79 -0.97
C ALA A 10 -14.01 -6.30 -1.49
N CYS A 11 -14.13 -4.99 -1.70
CA CYS A 11 -15.42 -4.36 -1.86
C CYS A 11 -15.82 -4.25 -3.32
N GLU A 12 -14.87 -4.51 -4.20
CA GLU A 12 -14.94 -4.09 -5.60
C GLU A 12 -15.06 -2.57 -5.69
N SER A 13 -14.06 -1.89 -5.13
CA SER A 13 -13.79 -0.49 -5.45
C SER A 13 -12.36 -0.33 -5.98
N ALA A 14 -12.20 0.64 -6.87
CA ALA A 14 -10.90 0.91 -7.46
C ALA A 14 -10.12 1.96 -6.67
N GLU A 15 -10.86 2.67 -5.83
CA GLU A 15 -10.32 3.82 -5.11
C GLU A 15 -9.42 3.35 -3.96
N LEU A 16 -8.15 3.75 -4.06
CA LEU A 16 -7.17 3.43 -3.04
C LEU A 16 -6.22 4.60 -2.83
N ILE A 17 -5.59 4.63 -1.66
CA ILE A 17 -4.87 5.80 -1.19
C ILE A 17 -3.72 5.39 -0.28
N TYR A 18 -2.75 6.28 -0.15
CA TYR A 18 -1.49 5.97 0.51
C TYR A 18 -1.39 6.67 1.86
N ASP A 19 -1.23 5.87 2.91
CA ASP A 19 -1.08 6.38 4.25
C ASP A 19 0.41 6.56 4.59
N PRO A 20 0.87 7.82 4.47
CA PRO A 20 2.29 8.18 4.76
C PRO A 20 2.72 7.87 6.19
N GLU A 21 1.73 7.62 7.04
CA GLU A 21 1.95 7.53 8.48
C GLU A 21 2.54 6.16 8.82
N ARG A 22 2.15 5.17 8.03
CA ARG A 22 2.72 3.83 8.13
C ARG A 22 3.56 3.52 6.89
N GLY A 23 3.30 4.27 5.82
CA GLY A 23 3.84 3.95 4.51
C GLY A 23 3.00 2.88 3.82
N GLU A 24 1.69 3.04 3.90
CA GLU A 24 0.75 2.01 3.49
C GLU A 24 -0.01 2.46 2.25
N ILE A 25 -0.71 1.51 1.63
CA ILE A 25 -1.76 1.83 0.68
C ILE A 25 -3.05 1.08 1.05
N VAL A 26 -4.15 1.82 1.13
CA VAL A 26 -5.38 1.31 1.70
C VAL A 26 -6.55 1.62 0.76
N CYS A 27 -7.72 1.12 1.18
CA CYS A 27 -8.96 1.39 0.44
C CYS A 27 -9.67 2.59 1.05
N ALA A 28 -10.16 3.45 0.15
CA ALA A 28 -10.91 4.63 0.56
C ALA A 28 -12.41 4.34 0.54
N LYS A 29 -12.75 3.07 0.61
CA LYS A 29 -14.06 2.60 0.15
C LYS A 29 -14.58 1.48 1.05
N CYS A 30 -13.63 0.81 1.72
CA CYS A 30 -13.95 -0.04 2.84
C CYS A 30 -12.96 0.16 4.00
N GLY A 31 -11.82 0.77 3.65
CA GLY A 31 -10.80 1.04 4.65
C GLY A 31 -9.65 0.03 4.57
N TYR A 32 -9.91 -1.03 3.78
CA TYR A 32 -9.03 -2.18 3.75
C TYR A 32 -7.69 -1.81 3.10
N VAL A 33 -6.61 -2.31 3.72
CA VAL A 33 -5.28 -2.14 3.18
C VAL A 33 -5.17 -2.80 1.80
N ILE A 34 -4.09 -2.46 1.13
CA ILE A 34 -3.73 -3.10 -0.13
C ILE A 34 -2.32 -3.68 -0.03
N GLU A 35 -1.33 -2.79 -0.15
CA GLU A 35 0.06 -3.17 0.06
C GLU A 35 0.70 -2.24 1.09
N GLU A 36 2.03 -2.26 1.11
CA GLU A 36 2.80 -1.33 1.90
C GLU A 36 4.27 -1.36 1.47
N ASN A 37 5.11 -0.67 2.25
CA ASN A 37 6.55 -0.79 2.11
C ASN A 37 7.03 -0.12 0.83
N ILE A 38 7.61 1.07 0.99
CA ILE A 38 8.17 1.79 -0.13
C ILE A 38 9.60 2.21 0.17
N ILE A 39 10.33 2.60 -0.87
CA ILE A 39 11.77 2.80 -0.79
C ILE A 39 12.09 3.97 0.13
N ASP A 40 12.76 3.65 1.24
CA ASP A 40 13.37 4.67 2.09
C ASP A 40 14.19 4.01 3.20
N MET A 41 13.57 3.89 4.37
CA MET A 41 14.15 3.17 5.49
C MET A 41 15.47 3.81 5.91
N GLY A 42 15.66 5.05 5.49
CA GLY A 42 16.76 5.88 5.99
C GLY A 42 18.11 5.22 5.62
N PRO A 43 19.15 5.59 6.37
CA PRO A 43 20.46 4.89 6.32
C PRO A 43 20.38 3.40 6.61
N GLU A 44 21.49 2.71 6.41
CA GLU A 44 21.65 1.34 6.87
C GLU A 44 23.10 0.89 6.69
N TRP A 45 23.89 1.06 7.74
CA TRP A 45 25.22 0.48 7.82
C TRP A 45 25.46 -0.12 9.20
N ARG A 46 25.67 -1.44 9.23
CA ARG A 46 26.11 -2.12 10.43
C ARG A 46 26.47 -3.57 10.12
N ALA A 47 25.44 -4.38 9.91
CA ALA A 47 25.59 -5.83 9.79
C ALA A 47 25.83 -6.22 8.33
N PHE A 48 27.08 -6.53 8.01
CA PHE A 48 27.43 -7.11 6.73
C PHE A 48 28.16 -8.43 6.93
N ASP A 49 27.48 -9.51 6.55
CA ASP A 49 28.03 -10.85 6.67
C ASP A 49 27.45 -11.78 5.60
N ALA A 50 26.14 -11.64 5.40
CA ALA A 50 25.47 -12.27 4.27
C ALA A 50 24.06 -11.72 4.11
ZN ZN B . -12.44 -1.77 -0.48
N MET A 1 -11.68 -12.93 -15.02
CA MET A 1 -12.63 -12.08 -15.77
C MET A 1 -12.49 -10.63 -15.32
N VAL A 2 -12.10 -10.46 -14.06
CA VAL A 2 -11.78 -9.14 -13.53
C VAL A 2 -10.66 -9.24 -12.51
N ASN A 3 -9.48 -8.75 -12.91
CA ASN A 3 -8.31 -8.77 -12.05
C ASN A 3 -7.32 -7.68 -12.48
N LYS A 4 -7.81 -6.44 -12.47
CA LYS A 4 -6.94 -5.28 -12.62
C LYS A 4 -5.92 -5.22 -11.49
N GLN A 5 -4.75 -4.66 -11.80
CA GLN A 5 -3.58 -4.78 -10.93
C GLN A 5 -3.43 -3.52 -10.08
N LYS A 6 -4.56 -2.92 -9.73
CA LYS A 6 -4.61 -1.88 -8.70
C LYS A 6 -6.05 -1.58 -8.33
N VAL A 7 -6.61 -2.45 -7.49
CA VAL A 7 -8.00 -2.36 -7.11
C VAL A 7 -8.20 -2.84 -5.67
N CYS A 8 -9.46 -2.92 -5.26
CA CYS A 8 -9.84 -3.59 -4.03
C CYS A 8 -10.45 -4.97 -4.37
N PRO A 9 -9.69 -6.02 -3.98
CA PRO A 9 -10.18 -7.42 -4.00
C PRO A 9 -11.29 -7.70 -2.99
N ALA A 10 -11.48 -6.73 -2.09
CA ALA A 10 -12.51 -6.85 -1.06
C ALA A 10 -13.87 -6.45 -1.61
N CYS A 11 -14.03 -5.15 -1.88
CA CYS A 11 -15.36 -4.60 -2.12
C CYS A 11 -15.67 -4.52 -3.61
N GLU A 12 -14.64 -4.72 -4.43
CA GLU A 12 -14.66 -4.31 -5.84
C GLU A 12 -14.87 -2.80 -5.94
N SER A 13 -13.95 -2.05 -5.32
CA SER A 13 -13.74 -0.65 -5.64
C SER A 13 -12.35 -0.45 -6.25
N ALA A 14 -12.10 0.77 -6.71
CA ALA A 14 -10.92 1.07 -7.50
C ALA A 14 -10.08 2.19 -6.87
N GLU A 15 -10.72 2.91 -5.96
CA GLU A 15 -10.07 4.03 -5.29
C GLU A 15 -9.34 3.54 -4.03
N LEU A 16 -8.06 3.89 -3.97
CA LEU A 16 -7.24 3.61 -2.80
C LEU A 16 -6.40 4.83 -2.43
N ILE A 17 -5.92 4.83 -1.19
CA ILE A 17 -5.32 6.02 -0.59
C ILE A 17 -4.04 5.65 0.14
N TYR A 18 -3.05 6.54 0.01
CA TYR A 18 -1.69 6.24 0.46
C TYR A 18 -1.39 6.97 1.76
N ASP A 19 -0.77 6.25 2.69
CA ASP A 19 -0.63 6.70 4.06
C ASP A 19 0.85 6.75 4.45
N PRO A 20 1.46 7.94 4.25
CA PRO A 20 2.93 8.13 4.43
C PRO A 20 3.42 7.80 5.84
N GLU A 21 2.47 7.81 6.78
CA GLU A 21 2.79 7.53 8.17
C GLU A 21 3.12 6.04 8.34
N ARG A 22 2.27 5.21 7.75
CA ARG A 22 2.41 3.76 7.85
C ARG A 22 3.24 3.24 6.68
N GLY A 23 3.28 4.02 5.61
CA GLY A 23 3.80 3.55 4.33
C GLY A 23 2.82 2.55 3.71
N GLU A 24 1.53 2.86 3.81
CA GLU A 24 0.48 1.90 3.52
C GLU A 24 -0.52 2.50 2.53
N ILE A 25 -0.99 1.64 1.62
CA ILE A 25 -2.08 1.99 0.73
C ILE A 25 -3.34 1.23 1.13
N VAL A 26 -4.47 1.94 1.11
CA VAL A 26 -5.70 1.42 1.69
C VAL A 26 -6.87 1.67 0.73
N CYS A 27 -8.03 1.17 1.14
CA CYS A 27 -9.27 1.41 0.41
C CYS A 27 -9.98 2.65 0.98
N ALA A 28 -10.36 3.52 0.04
CA ALA A 28 -11.22 4.66 0.35
C ALA A 28 -12.69 4.28 0.17
N LYS A 29 -13.03 3.10 0.65
CA LYS A 29 -14.37 2.56 0.53
C LYS A 29 -14.70 1.65 1.71
N CYS A 30 -13.82 0.67 1.93
CA CYS A 30 -14.02 -0.28 3.00
C CYS A 30 -13.01 -0.10 4.12
N GLY A 31 -11.92 0.60 3.79
CA GLY A 31 -10.86 0.87 4.76
C GLY A 31 -9.73 -0.15 4.65
N TYR A 32 -9.99 -1.19 3.87
CA TYR A 32 -9.05 -2.30 3.73
C TYR A 32 -7.74 -1.81 3.13
N VAL A 33 -6.65 -2.22 3.76
CA VAL A 33 -5.31 -2.01 3.21
C VAL A 33 -5.18 -2.73 1.87
N ILE A 34 -4.10 -2.39 1.17
CA ILE A 34 -3.73 -3.07 -0.07
C ILE A 34 -2.35 -3.70 0.09
N GLU A 35 -1.33 -2.85 -0.02
CA GLU A 35 0.05 -3.26 0.25
C GLU A 35 0.75 -2.20 1.08
N GLU A 36 1.93 -2.55 1.58
CA GLU A 36 2.61 -1.75 2.59
C GLU A 36 4.12 -1.79 2.35
N ASN A 37 4.77 -0.67 2.70
CA ASN A 37 6.22 -0.58 2.61
C ASN A 37 6.69 -0.78 1.17
N ILE A 38 6.88 0.34 0.48
CA ILE A 38 7.50 0.34 -0.83
C ILE A 38 9.00 0.56 -0.70
N ILE A 39 9.77 -0.45 -1.07
CA ILE A 39 11.22 -0.34 -1.16
C ILE A 39 11.81 -1.59 -1.80
N ASP A 40 11.20 -2.73 -1.49
CA ASP A 40 11.55 -3.98 -2.14
C ASP A 40 13.01 -4.33 -1.88
N MET A 41 13.42 -5.48 -2.42
CA MET A 41 14.71 -6.06 -2.08
C MET A 41 14.78 -6.40 -0.60
N GLY A 42 15.15 -5.41 0.20
CA GLY A 42 15.16 -5.54 1.65
C GLY A 42 14.86 -4.17 2.29
N PRO A 43 14.29 -4.22 3.52
CA PRO A 43 14.00 -3.01 4.31
C PRO A 43 15.22 -2.12 4.55
N GLU A 44 15.14 -1.33 5.61
CA GLU A 44 16.24 -0.43 5.98
C GLU A 44 17.17 -1.13 6.96
N TRP A 45 18.46 -0.95 6.74
CA TRP A 45 19.49 -1.34 7.70
C TRP A 45 19.29 -0.57 9.01
N ARG A 46 19.68 0.71 8.99
CA ARG A 46 19.37 1.62 10.07
C ARG A 46 20.10 1.21 11.34
N ALA A 47 19.53 0.23 12.04
CA ALA A 47 20.21 -0.45 13.12
C ALA A 47 19.35 -1.58 13.67
N PHE A 48 19.91 -2.78 13.66
CA PHE A 48 19.34 -3.91 14.38
C PHE A 48 20.10 -5.20 14.05
N ASP A 49 20.88 -5.66 15.02
CA ASP A 49 21.48 -6.99 14.96
C ASP A 49 21.62 -7.57 16.36
N ALA A 50 22.56 -7.02 17.13
CA ALA A 50 22.94 -7.58 18.41
C ALA A 50 23.49 -9.00 18.22
ZN ZN B . -12.65 -1.86 -0.55
N MET A 1 -5.48 -0.08 -23.13
CA MET A 1 -5.92 -0.75 -21.89
C MET A 1 -7.43 -0.57 -21.72
N VAL A 2 -8.07 -1.60 -21.17
CA VAL A 2 -9.51 -1.65 -21.09
C VAL A 2 -9.98 -1.38 -19.66
N ASN A 3 -9.30 -2.02 -18.70
CA ASN A 3 -9.43 -1.67 -17.30
C ASN A 3 -8.47 -0.54 -16.94
N LYS A 4 -8.50 -0.15 -15.67
CA LYS A 4 -7.85 1.08 -15.23
C LYS A 4 -7.56 1.02 -13.73
N GLN A 5 -6.38 1.51 -13.35
CA GLN A 5 -6.08 1.83 -11.96
C GLN A 5 -5.95 0.56 -11.14
N LYS A 6 -5.05 0.60 -10.16
CA LYS A 6 -5.04 -0.38 -9.08
C LYS A 6 -6.34 -0.31 -8.28
N VAL A 7 -6.80 -1.47 -7.83
CA VAL A 7 -8.18 -1.63 -7.37
C VAL A 7 -8.20 -2.16 -5.94
N CYS A 8 -9.43 -2.42 -5.48
CA CYS A 8 -9.66 -3.15 -4.24
C CYS A 8 -10.08 -4.59 -4.58
N PRO A 9 -9.17 -5.53 -4.25
CA PRO A 9 -9.46 -6.99 -4.30
C PRO A 9 -10.49 -7.44 -3.26
N ALA A 10 -10.91 -6.49 -2.42
CA ALA A 10 -11.87 -6.78 -1.37
C ALA A 10 -13.29 -6.51 -1.83
N CYS A 11 -13.59 -5.22 -2.05
CA CYS A 11 -14.97 -4.78 -2.23
C CYS A 11 -15.33 -4.69 -3.70
N GLU A 12 -14.32 -4.79 -4.56
CA GLU A 12 -14.41 -4.38 -5.95
C GLU A 12 -14.76 -2.89 -6.03
N SER A 13 -13.91 -2.07 -5.41
CA SER A 13 -13.85 -0.65 -5.71
C SER A 13 -12.65 -0.36 -6.60
N ALA A 14 -12.32 0.93 -6.70
CA ALA A 14 -11.15 1.38 -7.44
C ALA A 14 -10.40 2.48 -6.69
N GLU A 15 -11.09 3.07 -5.72
CA GLU A 15 -10.56 4.21 -4.98
C GLU A 15 -9.72 3.71 -3.79
N LEU A 16 -8.45 4.13 -3.80
CA LEU A 16 -7.54 3.83 -2.71
C LEU A 16 -6.71 5.05 -2.34
N ILE A 17 -5.79 4.85 -1.41
CA ILE A 17 -5.07 5.95 -0.79
C ILE A 17 -3.80 5.45 -0.11
N TYR A 18 -2.73 6.23 -0.27
CA TYR A 18 -1.42 5.86 0.26
C TYR A 18 -1.09 6.69 1.50
N ASP A 19 -0.88 6.00 2.61
CA ASP A 19 -0.66 6.65 3.89
C ASP A 19 0.86 6.65 4.21
N PRO A 20 1.52 7.77 3.85
CA PRO A 20 3.00 7.88 3.90
C PRO A 20 3.58 7.64 5.29
N GLU A 21 2.71 7.68 6.29
CA GLU A 21 3.13 7.68 7.68
C GLU A 21 3.33 6.24 8.16
N ARG A 22 2.54 5.34 7.60
CA ARG A 22 2.71 3.91 7.80
C ARG A 22 3.40 3.28 6.59
N GLY A 23 3.19 3.90 5.43
CA GLY A 23 3.47 3.26 4.15
C GLY A 23 2.40 2.21 3.85
N GLU A 24 1.17 2.66 3.74
CA GLU A 24 0.01 1.77 3.74
C GLU A 24 -1.02 2.24 2.72
N ILE A 25 -1.23 1.41 1.70
CA ILE A 25 -2.18 1.73 0.64
C ILE A 25 -3.54 1.10 0.96
N VAL A 26 -4.53 1.96 1.16
CA VAL A 26 -5.78 1.56 1.79
C VAL A 26 -6.95 1.84 0.84
N CYS A 27 -8.14 1.46 1.32
CA CYS A 27 -9.37 1.65 0.54
C CYS A 27 -10.18 2.79 1.16
N ALA A 28 -10.60 3.70 0.25
CA ALA A 28 -11.51 4.76 0.61
C ALA A 28 -12.96 4.34 0.38
N LYS A 29 -13.23 3.09 0.72
CA LYS A 29 -14.54 2.50 0.47
C LYS A 29 -14.91 1.52 1.58
N CYS A 30 -13.97 0.62 1.87
CA CYS A 30 -14.20 -0.41 2.87
C CYS A 30 -13.28 -0.22 4.07
N GLY A 31 -12.22 0.56 3.86
CA GLY A 31 -11.27 0.85 4.93
C GLY A 31 -10.04 -0.04 4.83
N TYR A 32 -10.15 -1.06 3.96
CA TYR A 32 -9.17 -2.12 3.89
C TYR A 32 -7.83 -1.58 3.40
N VAL A 33 -6.75 -2.03 4.04
CA VAL A 33 -5.42 -1.93 3.47
C VAL A 33 -5.20 -3.06 2.46
N ILE A 34 -4.21 -2.81 1.60
CA ILE A 34 -3.64 -3.86 0.75
C ILE A 34 -2.17 -4.07 1.11
N GLU A 35 -1.34 -3.13 0.69
CA GLU A 35 0.10 -3.35 0.63
C GLU A 35 0.83 -2.33 1.50
N GLU A 36 2.10 -2.62 1.76
CA GLU A 36 2.87 -1.86 2.76
C GLU A 36 4.18 -1.39 2.14
N ASN A 37 4.48 -0.11 2.41
CA ASN A 37 5.66 0.53 1.85
C ASN A 37 5.63 0.52 0.33
N ILE A 38 6.58 1.25 -0.26
CA ILE A 38 6.64 1.39 -1.71
C ILE A 38 7.95 2.08 -2.11
N ILE A 39 9.04 1.61 -1.51
CA ILE A 39 10.37 2.00 -1.95
C ILE A 39 10.56 3.51 -1.81
N ASP A 40 10.20 4.22 -2.86
CA ASP A 40 10.14 5.68 -2.82
C ASP A 40 8.91 6.18 -3.59
N MET A 41 8.99 7.43 -4.03
CA MET A 41 8.01 7.97 -4.96
C MET A 41 8.71 8.64 -6.13
N GLY A 42 8.54 8.04 -7.31
CA GLY A 42 9.11 8.57 -8.54
C GLY A 42 8.75 7.65 -9.72
N PRO A 43 7.77 8.11 -10.52
CA PRO A 43 7.22 7.31 -11.64
C PRO A 43 8.25 6.96 -12.71
N GLU A 44 7.76 6.69 -13.91
CA GLU A 44 8.58 6.10 -14.96
C GLU A 44 9.16 7.20 -15.85
N TRP A 45 9.64 8.26 -15.21
CA TRP A 45 10.42 9.29 -15.86
C TRP A 45 10.99 10.28 -14.84
N ARG A 46 12.24 10.04 -14.46
CA ARG A 46 12.85 10.76 -13.34
C ARG A 46 13.32 12.13 -13.79
N ALA A 47 12.37 13.06 -13.86
CA ALA A 47 12.67 14.44 -14.22
C ALA A 47 11.43 15.30 -14.10
N PHE A 48 11.41 16.12 -13.05
CA PHE A 48 10.27 16.99 -12.77
C PHE A 48 10.73 18.27 -12.09
N ASP A 49 11.00 18.17 -10.79
CA ASP A 49 11.24 19.34 -9.95
C ASP A 49 12.74 19.55 -9.75
N ALA A 50 13.39 18.50 -9.25
CA ALA A 50 14.83 18.54 -9.04
C ALA A 50 15.55 18.71 -10.38
ZN ZN B . -12.49 -1.79 -0.62
#